data_7FSM
#
_entry.id   7FSM
#
_cell.length_a   80.311
_cell.length_b   49.606
_cell.length_c   115.628
_cell.angle_alpha   90.000
_cell.angle_beta   94.870
_cell.angle_gamma   90.000
#
_symmetry.space_group_name_H-M   'P 1 21 1'
#
loop_
_entity.id
_entity.type
_entity.pdbx_description
1 polymer Syntenin-1
2 non-polymer N-methyl-1-(5-methyl-1,2-oxazol-3-yl)methanesulfonamide
3 non-polymer 1,2-ETHANEDIOL
4 non-polymer 'D-GLUTAMIC ACID'
5 non-polymer GLYCINE
6 non-polymer 'SULFATE ION'
7 non-polymer ALANINE
8 water water
#
_entity_poly.entity_id   1
_entity_poly.type   'polypeptide(L)'
_entity_poly.pdbx_seq_one_letter_code
;SMAEIKQGIREVILCKDQDGKIGLRLKSIDNGIFVQLVQANSPASLVGLRFGDQVLQINGENCAGWSSDKAHKVLKQAFG
EKITMTIRDRPFERTITMHKDSTGHVGFIFKNGKITSIVKDSSAARNGLLTEHNICEINGQNVIGLKDSQIADILSTSGT
VVTITIMPAFIFEHIIKRMAPSIMKSLMDHTIPEV
;
_entity_poly.pdbx_strand_id   A,B,C,D
#
loop_
_chem_comp.id
_chem_comp.type
_chem_comp.name
_chem_comp.formula
EDO non-polymer 1,2-ETHANEDIOL 'C2 H6 O2'
SO4 non-polymer 'SULFATE ION' 'O4 S -2'
WJA non-polymer N-methyl-1-(5-methyl-1,2-oxazol-3-yl)methanesulfonamide 'C6 H10 N2 O3 S'
#
# COMPACT_ATOMS: atom_id res chain seq x y z
N ILE A 5 21.45 14.15 -11.29
CA ILE A 5 21.02 13.73 -9.92
C ILE A 5 21.76 14.60 -8.90
N LYS A 6 21.04 15.64 -8.42
CA LYS A 6 21.57 16.66 -7.55
C LYS A 6 21.54 16.14 -6.11
N GLN A 7 22.70 16.18 -5.45
CA GLN A 7 22.89 15.56 -4.14
C GLN A 7 22.14 16.37 -3.08
N GLY A 8 20.84 16.12 -2.96
CA GLY A 8 20.07 16.52 -1.80
C GLY A 8 18.65 16.95 -2.13
N ILE A 9 18.09 17.65 -1.15
CA ILE A 9 16.74 18.13 -1.10
C ILE A 9 16.75 19.61 -1.47
N ARG A 10 15.84 20.04 -2.35
CA ARG A 10 15.67 21.44 -2.67
C ARG A 10 14.22 21.83 -2.39
N GLU A 11 13.92 23.14 -2.44
CA GLU A 11 12.55 23.61 -2.23
C GLU A 11 12.11 24.35 -3.48
N VAL A 12 10.85 24.15 -3.86
CA VAL A 12 10.26 24.86 -4.96
C VAL A 12 8.93 25.50 -4.50
N ILE A 13 8.63 26.64 -5.10
CA ILE A 13 7.41 27.37 -4.83
C ILE A 13 6.57 27.36 -6.10
N LEU A 14 5.35 26.86 -6.02
CA LEU A 14 4.53 26.72 -7.20
C LEU A 14 3.39 27.71 -7.11
N CYS A 15 2.78 27.93 -8.26
CA CYS A 15 1.71 28.91 -8.40
C CYS A 15 0.73 28.38 -9.43
N LYS A 16 -0.49 28.04 -9.00
CA LYS A 16 -1.48 27.54 -9.94
C LYS A 16 -1.52 28.50 -11.13
N ASP A 17 -1.85 27.97 -12.31
CA ASP A 17 -2.02 28.82 -13.47
C ASP A 17 -3.45 29.37 -13.41
N GLN A 18 -3.84 30.12 -14.46
CA GLN A 18 -5.16 30.72 -14.54
C GLN A 18 -6.27 29.68 -14.44
N ASP A 19 -5.94 28.42 -14.76
CA ASP A 19 -6.93 27.37 -14.83
C ASP A 19 -6.89 26.51 -13.58
N GLY A 20 -6.18 26.96 -12.55
CA GLY A 20 -6.03 26.21 -11.31
C GLY A 20 -5.16 24.96 -11.46
N LYS A 21 -4.26 24.94 -12.45
CA LYS A 21 -3.43 23.78 -12.72
C LYS A 21 -1.98 23.99 -12.28
N ILE A 22 -1.35 22.91 -11.86
CA ILE A 22 0.08 22.91 -11.66
C ILE A 22 0.78 22.08 -12.72
N GLY A 23 0.13 21.00 -13.18
CA GLY A 23 0.63 20.23 -14.32
C GLY A 23 1.34 18.95 -13.90
N LEU A 24 0.77 18.26 -12.91
CA LEU A 24 1.49 17.22 -12.21
C LEU A 24 0.58 16.02 -11.97
N ARG A 25 1.16 14.84 -12.14
CA ARG A 25 0.56 13.65 -11.59
C ARG A 25 1.67 12.97 -10.78
N LEU A 26 1.28 12.35 -9.66
CA LEU A 26 2.18 11.81 -8.65
C LEU A 26 1.84 10.34 -8.43
N LYS A 27 2.81 9.52 -8.01
CA LYS A 27 2.58 8.10 -7.80
C LYS A 27 3.18 7.68 -6.45
N SER A 28 2.43 6.89 -5.69
CA SER A 28 2.90 6.35 -4.44
C SER A 28 3.87 5.21 -4.72
N ILE A 29 5.10 5.30 -4.20
CA ILE A 29 6.08 4.25 -4.39
C ILE A 29 6.85 4.00 -3.10
N ASP A 30 6.74 2.79 -2.55
CA ASP A 30 7.44 2.44 -1.31
C ASP A 30 7.15 3.46 -0.23
N ASN A 31 5.91 3.92 -0.12
CA ASN A 31 5.51 4.85 0.93
C ASN A 31 6.14 6.23 0.74
N GLY A 32 6.71 6.51 -0.44
CA GLY A 32 7.02 7.87 -0.79
C GLY A 32 6.00 8.39 -1.79
N ILE A 33 6.20 9.62 -2.27
CA ILE A 33 5.42 10.10 -3.40
C ILE A 33 6.38 10.60 -4.48
N PHE A 34 6.10 10.21 -5.73
CA PHE A 34 7.02 10.40 -6.84
C PHE A 34 6.28 10.98 -8.07
N VAL A 35 6.99 11.82 -8.82
CA VAL A 35 6.42 12.49 -9.98
C VAL A 35 6.26 11.48 -11.13
N GLN A 36 5.01 11.32 -11.58
CA GLN A 36 4.67 10.41 -12.66
C GLN A 36 4.61 11.13 -14.01
N LEU A 37 4.00 12.33 -14.06
CA LEU A 37 3.94 13.13 -15.29
C LEU A 37 4.17 14.61 -14.98
N VAL A 38 4.96 15.28 -15.81
CA VAL A 38 5.03 16.74 -15.78
C VAL A 38 4.55 17.22 -17.14
N GLN A 39 3.61 18.17 -17.10
CA GLN A 39 2.89 18.67 -18.27
C GLN A 39 3.67 19.83 -18.85
N ALA A 40 3.83 19.85 -20.17
CA ALA A 40 4.51 20.97 -20.82
C ALA A 40 3.78 22.24 -20.45
N ASN A 41 4.50 23.36 -20.37
CA ASN A 41 3.90 24.68 -20.24
C ASN A 41 3.06 24.80 -18.98
N SER A 42 3.59 24.27 -17.88
CA SER A 42 2.88 24.21 -16.62
C SER A 42 3.73 24.82 -15.53
N PRO A 43 3.12 25.20 -14.38
CA PRO A 43 3.90 25.66 -13.25
C PRO A 43 5.00 24.67 -12.89
N ALA A 44 4.67 23.36 -12.99
CA ALA A 44 5.58 22.34 -12.51
C ALA A 44 6.80 22.22 -13.44
N SER A 45 6.60 22.35 -14.75
CA SER A 45 7.71 22.41 -15.70
C SER A 45 8.54 23.68 -15.53
N LEU A 46 7.95 24.82 -15.13
CA LEU A 46 8.73 26.05 -15.03
C LEU A 46 9.64 25.99 -13.83
N VAL A 47 9.15 25.39 -12.74
CA VAL A 47 9.90 25.45 -11.51
C VAL A 47 10.91 24.31 -11.55
N GLY A 48 10.81 23.43 -12.55
CA GLY A 48 11.87 22.48 -12.83
C GLY A 48 11.62 21.11 -12.24
N LEU A 49 10.33 20.74 -12.06
CA LEU A 49 10.01 19.40 -11.59
C LEU A 49 10.24 18.41 -12.73
N ARG A 50 10.63 17.20 -12.35
CA ARG A 50 11.07 16.18 -13.26
C ARG A 50 10.39 14.85 -12.90
N PHE A 51 10.14 14.02 -13.91
CA PHE A 51 9.77 12.64 -13.70
C PHE A 51 10.78 11.94 -12.81
N GLY A 52 10.31 11.17 -11.84
CA GLY A 52 11.21 10.43 -10.97
C GLY A 52 11.50 11.17 -9.66
N ASP A 53 11.14 12.47 -9.58
CA ASP A 53 11.44 13.31 -8.45
C ASP A 53 10.54 12.88 -7.29
N GLN A 54 11.11 12.86 -6.08
CA GLN A 54 10.34 12.54 -4.90
C GLN A 54 9.83 13.81 -4.23
N VAL A 55 8.53 13.85 -3.90
CA VAL A 55 7.93 14.94 -3.13
C VAL A 55 7.95 14.56 -1.64
N LEU A 56 8.76 15.27 -0.85
CA LEU A 56 8.90 15.01 0.58
C LEU A 56 7.82 15.73 1.37
N GLN A 57 7.68 17.03 1.10
CA GLN A 57 6.64 17.82 1.72
C GLN A 57 5.80 18.48 0.64
N ILE A 58 4.52 18.66 0.98
CA ILE A 58 3.64 19.60 0.31
C ILE A 58 3.14 20.60 1.36
N ASN A 59 3.52 21.87 1.23
CA ASN A 59 3.14 22.91 2.19
C ASN A 59 3.50 22.44 3.60
N GLY A 60 4.71 21.90 3.77
CA GLY A 60 5.26 21.63 5.08
C GLY A 60 4.72 20.34 5.70
N GLU A 61 3.68 19.74 5.08
CA GLU A 61 3.16 18.45 5.53
C GLU A 61 3.93 17.32 4.83
N ASN A 62 4.27 16.28 5.58
CA ASN A 62 5.02 15.14 5.06
C ASN A 62 4.13 14.22 4.23
N CYS A 63 4.70 13.71 3.12
CA CYS A 63 3.97 12.89 2.16
C CYS A 63 4.02 11.41 2.52
N ALA A 64 4.95 11.00 3.38
CA ALA A 64 5.15 9.57 3.66
C ALA A 64 3.82 8.83 3.80
N GLY A 65 3.72 7.69 3.13
CA GLY A 65 2.58 6.79 3.19
C GLY A 65 1.30 7.24 2.49
N TRP A 66 1.28 8.39 1.81
CA TRP A 66 0.07 8.83 1.13
C TRP A 66 -0.18 7.96 -0.11
N SER A 67 -1.46 7.86 -0.48
CA SER A 67 -1.84 7.29 -1.75
C SER A 67 -1.73 8.37 -2.83
N SER A 68 -1.47 7.98 -4.07
CA SER A 68 -1.61 8.89 -5.20
C SER A 68 -2.83 9.81 -5.00
N ASP A 69 -4.00 9.20 -4.76
CA ASP A 69 -5.26 9.94 -4.64
C ASP A 69 -5.17 11.04 -3.60
N LYS A 70 -4.62 10.74 -2.41
CA LYS A 70 -4.56 11.76 -1.37
C LYS A 70 -3.61 12.87 -1.80
N ALA A 71 -2.51 12.49 -2.44
CA ALA A 71 -1.56 13.49 -2.91
C ALA A 71 -2.28 14.47 -3.83
N HIS A 72 -3.07 13.94 -4.79
CA HIS A 72 -3.83 14.74 -5.76
C HIS A 72 -4.89 15.62 -5.08
N LYS A 73 -5.57 15.10 -4.05
CA LYS A 73 -6.54 15.92 -3.32
C LYS A 73 -5.81 17.03 -2.59
N VAL A 74 -4.75 16.69 -1.84
CA VAL A 74 -4.01 17.73 -1.13
C VAL A 74 -3.78 18.88 -2.09
N LEU A 75 -3.36 18.58 -3.32
CA LEU A 75 -2.99 19.63 -4.26
C LEU A 75 -4.19 20.47 -4.70
N LYS A 76 -5.38 19.86 -4.80
CA LYS A 76 -6.57 20.59 -5.21
C LYS A 76 -6.99 21.55 -4.10
N GLN A 77 -6.90 21.11 -2.85
CA GLN A 77 -7.43 21.88 -1.73
C GLN A 77 -6.48 23.00 -1.30
N ALA A 78 -5.50 23.38 -2.12
CA ALA A 78 -4.49 24.35 -1.69
C ALA A 78 -4.74 25.73 -2.32
N PHE A 79 -4.79 26.77 -1.49
CA PHE A 79 -4.83 28.16 -1.93
C PHE A 79 -3.79 28.43 -3.02
N GLY A 80 -4.26 28.57 -4.26
CA GLY A 80 -3.39 28.67 -5.42
C GLY A 80 -2.18 29.58 -5.21
N GLU A 81 -2.40 30.66 -4.44
CA GLU A 81 -1.42 31.69 -4.16
C GLU A 81 0.02 31.17 -4.18
N LYS A 82 0.30 30.13 -3.39
CA LYS A 82 1.68 29.71 -3.19
C LYS A 82 1.68 28.31 -2.57
N ILE A 83 2.15 27.32 -3.35
CA ILE A 83 2.32 25.96 -2.86
C ILE A 83 3.81 25.67 -2.81
N THR A 84 4.30 25.33 -1.61
CA THR A 84 5.69 24.96 -1.46
C THR A 84 5.81 23.44 -1.58
N MET A 85 6.98 22.99 -2.05
CA MET A 85 7.24 21.56 -2.12
C MET A 85 8.70 21.30 -1.74
N THR A 86 8.91 20.17 -1.06
CA THR A 86 10.25 19.72 -0.78
C THR A 86 10.55 18.47 -1.60
N ILE A 87 11.57 18.60 -2.46
CA ILE A 87 11.88 17.66 -3.53
C ILE A 87 13.21 16.98 -3.27
N ARG A 88 13.26 15.64 -3.39
CA ARG A 88 14.53 14.95 -3.50
C ARG A 88 14.71 14.64 -4.99
N ASP A 89 15.89 14.92 -5.52
CA ASP A 89 16.09 14.86 -6.96
C ASP A 89 16.17 13.42 -7.45
N ARG A 90 15.30 13.07 -8.41
CA ARG A 90 15.29 11.78 -9.07
C ARG A 90 16.03 10.69 -8.29
N PRO A 91 15.52 10.30 -7.11
CA PRO A 91 16.22 9.33 -6.28
C PRO A 91 16.43 7.93 -6.87
N PHE A 92 15.59 7.52 -7.83
CA PHE A 92 15.67 6.19 -8.41
C PHE A 92 16.50 6.20 -9.69
N GLU A 93 17.12 7.33 -10.05
CA GLU A 93 17.82 7.37 -11.33
C GLU A 93 19.31 7.64 -11.12
N ARG A 94 20.11 7.21 -12.10
CA ARG A 94 21.51 7.59 -12.22
C ARG A 94 21.78 8.19 -13.61
N THR A 95 22.88 8.94 -13.72
CA THR A 95 23.31 9.55 -14.96
C THR A 95 24.68 9.03 -15.35
N ILE A 96 24.79 8.67 -16.64
CA ILE A 96 25.95 8.03 -17.20
C ILE A 96 26.44 8.94 -18.31
N THR A 97 27.70 9.37 -18.27
CA THR A 97 28.23 10.19 -19.36
C THR A 97 28.98 9.27 -20.31
N MET A 98 28.66 9.34 -21.61
CA MET A 98 29.36 8.57 -22.62
C MET A 98 29.92 9.46 -23.74
N HIS A 99 30.85 8.91 -24.54
CA HIS A 99 31.42 9.63 -25.67
C HIS A 99 31.23 8.82 -26.93
N LYS A 100 30.71 9.47 -27.99
CA LYS A 100 30.49 8.77 -29.25
C LYS A 100 31.85 8.53 -29.86
N ASP A 101 31.99 7.40 -30.56
CA ASP A 101 33.21 7.11 -31.29
C ASP A 101 33.21 7.90 -32.60
N SER A 102 34.09 7.55 -33.53
CA SER A 102 34.21 8.28 -34.79
C SER A 102 33.08 7.88 -35.75
N THR A 103 32.49 6.69 -35.53
CA THR A 103 31.31 6.25 -36.24
C THR A 103 30.05 6.88 -35.65
N GLY A 104 30.17 7.55 -34.51
CA GLY A 104 29.03 8.20 -33.88
C GLY A 104 28.16 7.22 -33.12
N HIS A 105 28.78 6.16 -32.57
CA HIS A 105 28.13 5.17 -31.73
C HIS A 105 28.56 5.36 -30.26
N VAL A 106 27.64 5.07 -29.31
CA VAL A 106 27.98 5.02 -27.88
C VAL A 106 28.11 3.57 -27.41
N GLY A 107 27.32 2.69 -28.00
CA GLY A 107 27.48 1.26 -27.88
C GLY A 107 26.41 0.61 -26.99
N PHE A 108 25.12 0.79 -27.35
CA PHE A 108 24.08 -0.10 -26.86
C PHE A 108 22.92 -0.23 -27.84
N ILE A 109 22.09 -1.22 -27.55
CA ILE A 109 20.82 -1.50 -28.19
C ILE A 109 19.75 -1.27 -27.13
N PHE A 110 18.65 -0.64 -27.54
CA PHE A 110 17.50 -0.40 -26.70
C PHE A 110 16.23 -0.69 -27.52
N LYS A 111 15.18 -1.13 -26.82
CA LYS A 111 13.88 -1.36 -27.43
C LYS A 111 12.78 -0.93 -26.45
N ASN A 112 11.86 -0.08 -26.94
CA ASN A 112 10.78 0.52 -26.15
C ASN A 112 11.38 1.31 -24.99
N GLY A 113 12.41 2.09 -25.29
CA GLY A 113 13.07 2.91 -24.29
C GLY A 113 13.93 2.11 -23.30
N LYS A 114 13.96 0.77 -23.41
CA LYS A 114 14.68 -0.12 -22.51
C LYS A 114 16.02 -0.62 -23.09
N ILE A 115 17.13 -0.38 -22.37
CA ILE A 115 18.43 -0.83 -22.85
C ILE A 115 18.48 -2.35 -22.70
N THR A 116 18.96 -3.04 -23.75
CA THR A 116 18.90 -4.49 -23.84
C THR A 116 20.25 -5.09 -24.20
N SER A 117 21.25 -4.32 -24.63
CA SER A 117 22.56 -4.90 -24.76
C SER A 117 23.63 -3.83 -24.81
N ILE A 118 24.84 -4.19 -24.34
CA ILE A 118 25.99 -3.31 -24.42
C ILE A 118 26.99 -3.93 -25.38
N VAL A 119 27.55 -3.09 -26.25
CA VAL A 119 28.40 -3.54 -27.34
C VAL A 119 29.86 -3.55 -26.88
N LYS A 120 30.57 -4.64 -27.17
CA LYS A 120 31.93 -4.81 -26.66
C LYS A 120 32.78 -3.61 -27.05
N ASP A 121 33.58 -3.14 -26.08
CA ASP A 121 34.59 -2.11 -26.27
C ASP A 121 33.94 -0.83 -26.80
N SER A 122 32.73 -0.53 -26.32
CA SER A 122 32.13 0.80 -26.50
C SER A 122 32.40 1.67 -25.28
N SER A 123 32.01 2.94 -25.41
CA SER A 123 31.97 3.86 -24.28
C SER A 123 30.94 3.40 -23.26
N ALA A 124 29.79 2.92 -23.74
CA ALA A 124 28.74 2.37 -22.90
C ALA A 124 29.26 1.27 -21.98
N ALA A 125 30.17 0.46 -22.53
CA ALA A 125 30.72 -0.66 -21.81
C ALA A 125 31.81 -0.17 -20.87
N ARG A 126 32.67 0.71 -21.38
CA ARG A 126 33.68 1.35 -20.55
C ARG A 126 33.03 2.07 -19.37
N ASN A 127 31.77 2.48 -19.55
CA ASN A 127 31.11 3.34 -18.57
C ASN A 127 30.11 2.60 -17.71
N GLY A 128 29.96 1.29 -17.92
CA GLY A 128 29.17 0.51 -17.00
C GLY A 128 27.69 0.81 -17.16
N LEU A 129 27.26 1.05 -18.41
CA LEU A 129 25.83 1.13 -18.67
C LEU A 129 25.21 -0.23 -18.44
N LEU A 130 23.97 -0.27 -17.96
CA LEU A 130 23.29 -1.49 -17.56
C LEU A 130 22.08 -1.69 -18.46
N THR A 131 21.79 -2.96 -18.75
CA THR A 131 20.57 -3.38 -19.42
C THR A 131 19.45 -3.44 -18.39
N GLU A 132 18.23 -3.71 -18.86
CA GLU A 132 17.07 -3.76 -18.00
C GLU A 132 16.92 -2.41 -17.30
N HIS A 133 17.27 -1.33 -18.02
CA HIS A 133 17.13 0.03 -17.53
C HIS A 133 16.36 0.85 -18.57
N ASN A 134 15.37 1.63 -18.13
CA ASN A 134 14.61 2.51 -19.01
C ASN A 134 15.32 3.85 -19.12
N ILE A 135 15.44 4.34 -20.36
CA ILE A 135 15.97 5.66 -20.65
C ILE A 135 14.93 6.71 -20.26
N CYS A 136 15.27 7.59 -19.29
CA CYS A 136 14.38 8.63 -18.80
C CYS A 136 14.69 9.98 -19.45
N GLU A 137 15.98 10.26 -19.65
CA GLU A 137 16.44 11.56 -20.09
C GLU A 137 17.70 11.40 -20.95
N ILE A 138 17.83 12.24 -21.99
CA ILE A 138 19.06 12.38 -22.72
C ILE A 138 19.46 13.85 -22.72
N ASN A 139 20.70 14.10 -22.30
CA ASN A 139 21.25 15.44 -22.26
C ASN A 139 20.27 16.38 -21.59
N GLY A 140 19.59 15.88 -20.55
CA GLY A 140 18.75 16.68 -19.68
C GLY A 140 17.34 16.87 -20.20
N GLN A 141 17.04 16.33 -21.38
CA GLN A 141 15.70 16.35 -21.95
C GLN A 141 15.03 15.03 -21.67
N ASN A 142 13.82 15.11 -21.13
CA ASN A 142 13.02 13.93 -20.90
C ASN A 142 12.64 13.33 -22.24
N VAL A 143 12.77 12.01 -22.39
CA VAL A 143 12.55 11.33 -23.67
C VAL A 143 11.56 10.19 -23.50
N ILE A 144 10.86 10.15 -22.36
CA ILE A 144 10.03 9.01 -22.04
C ILE A 144 8.82 8.99 -22.97
N GLY A 145 8.65 7.88 -23.69
CA GLY A 145 7.47 7.69 -24.52
C GLY A 145 7.63 8.24 -25.93
N LEU A 146 8.76 8.87 -26.25
CA LEU A 146 9.10 9.12 -27.64
C LEU A 146 9.34 7.77 -28.30
N LYS A 147 9.17 7.67 -29.62
CA LYS A 147 9.39 6.40 -30.31
C LYS A 147 10.89 6.10 -30.29
N ASP A 148 11.26 4.83 -30.52
CA ASP A 148 12.68 4.49 -30.44
C ASP A 148 13.44 5.29 -31.49
N SER A 149 12.77 5.54 -32.63
CA SER A 149 13.40 6.20 -33.76
C SER A 149 13.79 7.62 -33.37
N GLN A 150 12.92 8.29 -32.61
CA GLN A 150 13.17 9.68 -32.23
C GLN A 150 14.21 9.77 -31.12
N ILE A 151 14.40 8.67 -30.35
CA ILE A 151 15.47 8.64 -29.36
C ILE A 151 16.78 8.53 -30.09
N ALA A 152 16.81 7.67 -31.11
CA ALA A 152 18.00 7.51 -31.95
C ALA A 152 18.37 8.85 -32.57
N ASP A 153 17.34 9.54 -33.06
CA ASP A 153 17.51 10.87 -33.64
C ASP A 153 18.14 11.83 -32.62
N ILE A 154 17.75 11.77 -31.36
CA ILE A 154 18.27 12.69 -30.35
C ILE A 154 19.73 12.36 -30.02
N LEU A 155 20.04 11.06 -29.97
CA LEU A 155 21.40 10.58 -29.76
C LEU A 155 22.23 10.92 -30.99
N SER A 156 21.64 10.71 -32.17
CA SER A 156 22.35 10.96 -33.42
C SER A 156 22.66 12.44 -33.61
N THR A 157 21.72 13.33 -33.23
CA THR A 157 21.91 14.76 -33.44
C THR A 157 22.69 15.41 -32.28
N SER A 158 23.13 14.59 -31.31
CA SER A 158 23.77 15.12 -30.12
C SER A 158 25.24 15.42 -30.40
N GLY A 159 25.83 16.24 -29.51
CA GLY A 159 27.28 16.43 -29.53
C GLY A 159 27.98 15.08 -29.44
N THR A 160 29.29 15.08 -29.27
CA THR A 160 30.01 13.82 -29.11
C THR A 160 29.69 13.26 -27.73
N VAL A 161 29.72 14.15 -26.71
CA VAL A 161 29.41 13.82 -25.33
C VAL A 161 27.89 13.62 -25.18
N VAL A 162 27.51 12.44 -24.66
CA VAL A 162 26.13 12.07 -24.48
C VAL A 162 25.92 11.67 -23.02
N THR A 163 24.96 12.34 -22.39
CA THR A 163 24.58 12.08 -21.03
C THR A 163 23.20 11.43 -20.99
N ILE A 164 23.08 10.29 -20.30
CA ILE A 164 21.81 9.56 -20.26
C ILE A 164 21.42 9.28 -18.81
N THR A 165 20.14 9.53 -18.52
CA THR A 165 19.57 9.25 -17.22
C THR A 165 18.63 8.07 -17.36
N ILE A 166 18.93 7.03 -16.56
CA ILE A 166 18.30 5.72 -16.65
C ILE A 166 17.67 5.39 -15.31
N MET A 167 16.72 4.44 -15.34
CA MET A 167 16.01 4.00 -14.16
C MET A 167 15.80 2.49 -14.28
N PRO A 168 16.01 1.73 -13.18
CA PRO A 168 15.69 0.29 -13.18
C PRO A 168 14.28 0.05 -13.65
N ALA A 169 14.14 -0.85 -14.62
CA ALA A 169 12.87 -1.07 -15.29
C ALA A 169 11.78 -1.45 -14.31
N PHE A 170 12.04 -2.35 -13.35
N PHE A 170 12.09 -2.32 -13.35
CA PHE A 170 11.00 -2.75 -12.42
CA PHE A 170 11.10 -2.76 -12.38
C PHE A 170 10.49 -1.51 -11.67
C PHE A 170 10.55 -1.56 -11.62
N ILE A 171 11.35 -0.49 -11.47
CA ILE A 171 10.91 0.70 -10.78
C ILE A 171 10.10 1.55 -11.75
N PHE A 172 10.66 1.72 -12.95
CA PHE A 172 10.04 2.49 -14.01
C PHE A 172 8.61 1.97 -14.29
N GLU A 173 8.48 0.66 -14.44
CA GLU A 173 7.21 0.01 -14.73
C GLU A 173 6.22 0.22 -13.60
N HIS A 174 6.71 0.33 -12.36
CA HIS A 174 5.84 0.62 -11.23
C HIS A 174 5.31 2.05 -11.29
N ILE A 175 6.15 2.99 -11.75
CA ILE A 175 5.77 4.40 -11.76
C ILE A 175 4.69 4.64 -12.81
N ILE A 176 4.94 4.23 -14.04
CA ILE A 176 4.02 4.45 -15.16
C ILE A 176 2.88 3.42 -15.19
N LYS A 177 2.63 2.68 -14.10
CA LYS A 177 1.76 1.52 -14.14
C LYS A 177 0.52 1.81 -14.98
N ARG A 178 0.28 0.93 -15.98
CA ARG A 178 -0.96 0.94 -16.73
C ARG A 178 -1.07 2.27 -17.49
N MET A 179 -0.13 2.52 -18.42
CA MET A 179 -0.18 3.69 -19.30
C MET A 179 0.19 3.24 -20.71
N ALA A 180 -0.42 3.82 -21.75
CA ALA A 180 0.03 3.54 -23.11
C ALA A 180 1.36 4.27 -23.34
N PRO A 181 2.31 3.71 -24.14
CA PRO A 181 3.48 4.48 -24.57
C PRO A 181 3.15 5.83 -25.18
N SER A 182 2.03 5.92 -25.92
CA SER A 182 1.63 7.16 -26.59
C SER A 182 0.86 8.10 -25.66
N ILE A 183 0.49 7.66 -24.45
CA ILE A 183 0.00 8.56 -23.41
C ILE A 183 1.10 9.54 -23.01
N MET A 184 2.27 8.98 -22.74
CA MET A 184 3.40 9.71 -22.21
C MET A 184 4.14 10.46 -23.32
N LYS A 185 4.03 9.95 -24.56
CA LYS A 185 4.48 10.67 -25.74
C LYS A 185 3.77 12.04 -25.80
N SER A 186 2.48 12.04 -25.44
CA SER A 186 1.61 13.22 -25.49
C SER A 186 1.75 14.12 -24.28
N LEU A 187 1.78 13.52 -23.08
CA LEU A 187 1.50 14.28 -21.87
C LEU A 187 2.76 14.75 -21.17
N MET A 188 3.86 13.97 -21.26
CA MET A 188 5.09 14.26 -20.55
C MET A 188 5.85 15.37 -21.27
N ASP A 189 6.29 16.37 -20.49
CA ASP A 189 7.06 17.49 -21.00
C ASP A 189 8.38 17.00 -21.58
N HIS A 190 8.63 17.26 -22.85
CA HIS A 190 9.86 16.79 -23.49
C HIS A 190 10.70 17.96 -23.99
N THR A 191 10.69 19.10 -23.30
CA THR A 191 11.43 20.26 -23.77
C THR A 191 12.68 20.43 -22.92
N ILE A 192 13.63 21.15 -23.50
CA ILE A 192 14.78 21.69 -22.80
C ILE A 192 14.24 22.76 -21.87
N PRO A 193 14.67 22.83 -20.59
CA PRO A 193 14.26 23.91 -19.69
C PRO A 193 14.57 25.33 -20.18
N GLU A 194 13.64 26.24 -19.90
CA GLU A 194 13.75 27.67 -20.16
C GLU A 194 14.77 28.29 -19.20
N VAL A 195 15.37 29.42 -19.59
CA VAL A 195 16.28 30.15 -18.73
C VAL A 195 15.89 31.64 -18.76
N ALA B 3 -33.64 16.86 -7.15
CA ALA B 3 -34.00 15.89 -8.22
C ALA B 3 -34.55 16.61 -9.47
N GLU B 4 -34.98 17.88 -9.32
CA GLU B 4 -35.52 18.69 -10.41
C GLU B 4 -34.48 18.82 -11.55
N ILE B 5 -34.92 18.63 -12.80
CA ILE B 5 -34.06 18.84 -13.95
C ILE B 5 -33.69 20.33 -14.02
N LYS B 6 -32.38 20.62 -13.94
CA LYS B 6 -31.85 21.98 -14.00
C LYS B 6 -31.94 22.51 -15.44
N GLN B 7 -32.12 23.81 -15.57
CA GLN B 7 -32.24 24.42 -16.89
C GLN B 7 -30.87 24.92 -17.35
N GLY B 8 -30.68 24.96 -18.67
CA GLY B 8 -29.40 25.37 -19.25
C GLY B 8 -28.25 24.45 -18.82
N ILE B 9 -27.06 25.06 -18.64
CA ILE B 9 -25.80 24.37 -18.78
C ILE B 9 -24.93 24.60 -17.55
N ARG B 10 -24.28 23.54 -17.03
CA ARG B 10 -23.28 23.70 -15.96
C ARG B 10 -21.95 23.06 -16.34
N GLU B 11 -20.91 23.45 -15.58
CA GLU B 11 -19.54 23.04 -15.83
C GLU B 11 -19.04 22.24 -14.63
N VAL B 12 -18.46 21.06 -14.88
CA VAL B 12 -17.99 20.18 -13.82
C VAL B 12 -16.50 19.91 -14.05
N ILE B 13 -15.79 19.65 -12.95
CA ILE B 13 -14.34 19.55 -12.98
C ILE B 13 -13.91 18.25 -12.33
N LEU B 14 -13.20 17.42 -13.10
CA LEU B 14 -12.90 16.06 -12.72
C LEU B 14 -11.40 15.87 -12.61
N CYS B 15 -11.01 15.00 -11.67
CA CYS B 15 -9.66 14.54 -11.51
C CYS B 15 -9.64 13.02 -11.68
N LYS B 16 -8.77 12.51 -12.56
CA LYS B 16 -8.68 11.07 -12.75
C LYS B 16 -8.12 10.46 -11.49
N ASP B 17 -8.63 9.29 -11.14
CA ASP B 17 -8.17 8.57 -9.96
C ASP B 17 -6.83 7.95 -10.33
N GLN B 18 -6.25 7.16 -9.42
CA GLN B 18 -4.89 6.67 -9.56
C GLN B 18 -4.80 5.45 -10.50
N ASP B 19 -5.95 4.99 -11.01
CA ASP B 19 -5.97 4.00 -12.08
C ASP B 19 -6.23 4.68 -13.44
N GLY B 20 -6.29 6.02 -13.47
CA GLY B 20 -6.44 6.77 -14.72
C GLY B 20 -7.88 6.84 -15.20
N LYS B 21 -8.85 6.69 -14.29
CA LYS B 21 -10.25 6.48 -14.66
C LYS B 21 -11.17 7.55 -14.06
N ILE B 22 -12.33 7.71 -14.68
CA ILE B 22 -13.29 8.72 -14.25
C ILE B 22 -14.56 8.05 -13.75
N GLY B 23 -14.79 6.80 -14.18
CA GLY B 23 -15.98 6.04 -13.79
C GLY B 23 -17.22 6.47 -14.57
N LEU B 24 -17.07 6.56 -15.91
CA LEU B 24 -18.09 7.07 -16.81
C LEU B 24 -18.10 6.20 -18.06
N ARG B 25 -19.29 5.90 -18.57
CA ARG B 25 -19.38 5.46 -19.95
C ARG B 25 -20.26 6.45 -20.72
N LEU B 26 -19.85 6.74 -21.95
CA LEU B 26 -20.43 7.77 -22.77
C LEU B 26 -21.00 7.11 -24.03
N LYS B 27 -22.13 7.66 -24.49
CA LYS B 27 -22.86 7.11 -25.63
C LYS B 27 -23.34 8.24 -26.54
N SER B 28 -23.13 7.99 -27.84
CA SER B 28 -23.56 8.90 -28.89
C SER B 28 -25.04 8.71 -29.16
N ILE B 29 -25.78 9.82 -29.11
CA ILE B 29 -27.23 9.81 -29.31
C ILE B 29 -27.63 11.08 -30.07
N ASP B 30 -28.20 10.90 -31.27
CA ASP B 30 -28.76 12.00 -32.01
C ASP B 30 -27.69 13.10 -32.12
N ASN B 31 -26.44 12.67 -32.38
CA ASN B 31 -25.28 13.52 -32.55
C ASN B 31 -24.92 14.38 -31.34
N GLY B 32 -25.39 13.98 -30.14
CA GLY B 32 -24.81 14.43 -28.89
C GLY B 32 -24.11 13.27 -28.19
N ILE B 33 -23.46 13.55 -27.06
CA ILE B 33 -22.87 12.53 -26.21
C ILE B 33 -23.58 12.51 -24.86
N PHE B 34 -23.93 11.32 -24.35
CA PHE B 34 -24.72 11.17 -23.12
C PHE B 34 -24.11 10.11 -22.20
N VAL B 35 -24.34 10.29 -20.89
CA VAL B 35 -23.74 9.42 -19.89
C VAL B 35 -24.61 8.17 -19.83
N GLN B 36 -24.01 7.00 -20.04
CA GLN B 36 -24.77 5.76 -20.01
C GLN B 36 -24.47 4.99 -18.72
N LEU B 37 -23.35 5.33 -18.04
CA LEU B 37 -22.99 4.72 -16.77
C LEU B 37 -22.14 5.69 -15.96
N VAL B 38 -22.44 5.76 -14.67
CA VAL B 38 -21.58 6.40 -13.68
C VAL B 38 -21.29 5.37 -12.60
N GLN B 39 -20.03 5.24 -12.17
CA GLN B 39 -19.67 4.22 -11.18
C GLN B 39 -19.71 4.82 -9.78
N ALA B 40 -20.15 4.03 -8.79
CA ALA B 40 -20.17 4.50 -7.41
C ALA B 40 -18.76 4.88 -6.99
N ASN B 41 -18.67 5.88 -6.11
CA ASN B 41 -17.41 6.18 -5.43
C ASN B 41 -16.35 6.46 -6.47
N SER B 42 -16.75 7.11 -7.55
CA SER B 42 -15.83 7.40 -8.63
C SER B 42 -15.76 8.90 -8.75
N PRO B 43 -14.67 9.46 -9.32
CA PRO B 43 -14.53 10.90 -9.46
C PRO B 43 -15.77 11.50 -10.10
N ALA B 44 -16.38 10.76 -11.04
CA ALA B 44 -17.56 11.30 -11.74
C ALA B 44 -18.75 11.42 -10.80
N SER B 45 -19.01 10.39 -9.99
CA SER B 45 -20.15 10.43 -9.08
C SER B 45 -19.96 11.55 -8.06
N LEU B 46 -18.76 11.63 -7.48
CA LEU B 46 -18.40 12.68 -6.55
C LEU B 46 -18.70 14.07 -7.08
N VAL B 47 -18.48 14.33 -8.39
CA VAL B 47 -18.76 15.66 -8.91
C VAL B 47 -20.19 15.73 -9.40
N GLY B 48 -20.95 14.64 -9.27
CA GLY B 48 -22.39 14.76 -9.41
C GLY B 48 -22.84 14.59 -10.85
N LEU B 49 -22.08 13.84 -11.65
CA LEU B 49 -22.57 13.46 -12.96
C LEU B 49 -23.60 12.35 -12.79
N ARG B 50 -24.60 12.34 -13.67
CA ARG B 50 -25.73 11.45 -13.59
C ARG B 50 -26.02 10.83 -14.95
N PHE B 51 -26.81 9.76 -14.88
CA PHE B 51 -27.23 9.01 -16.04
C PHE B 51 -28.17 9.90 -16.82
N GLY B 52 -27.95 9.99 -18.12
CA GLY B 52 -28.82 10.78 -18.96
C GLY B 52 -28.25 12.18 -19.19
N ASP B 53 -27.23 12.55 -18.41
CA ASP B 53 -26.58 13.84 -18.57
C ASP B 53 -26.01 13.94 -20.00
N GLN B 54 -26.13 15.14 -20.59
CA GLN B 54 -25.55 15.40 -21.90
C GLN B 54 -24.20 16.08 -21.71
N VAL B 55 -23.17 15.58 -22.42
CA VAL B 55 -21.87 16.22 -22.42
C VAL B 55 -21.72 17.01 -23.71
N LEU B 56 -21.68 18.34 -23.53
CA LEU B 56 -21.61 19.31 -24.61
C LEU B 56 -20.16 19.48 -25.05
N GLN B 57 -19.29 19.64 -24.05
CA GLN B 57 -17.86 19.74 -24.30
C GLN B 57 -17.02 18.97 -23.29
N ILE B 58 -15.84 18.50 -23.76
CA ILE B 58 -14.76 18.01 -22.90
C ILE B 58 -13.51 18.86 -23.10
N ASN B 59 -12.99 19.42 -22.02
CA ASN B 59 -11.87 20.32 -22.08
C ASN B 59 -12.13 21.38 -23.16
N GLY B 60 -13.36 21.89 -23.24
CA GLY B 60 -13.69 23.01 -24.12
C GLY B 60 -13.72 22.64 -25.60
N GLU B 61 -13.72 21.34 -25.92
CA GLU B 61 -13.87 20.82 -27.27
C GLU B 61 -15.33 20.33 -27.38
N ASN B 62 -15.97 20.40 -28.55
CA ASN B 62 -17.40 20.12 -28.66
C ASN B 62 -17.61 18.64 -28.98
N CYS B 63 -18.58 18.04 -28.31
CA CYS B 63 -18.87 16.64 -28.47
C CYS B 63 -19.78 16.34 -29.66
N ALA B 64 -20.39 17.38 -30.24
CA ALA B 64 -21.28 17.21 -31.38
C ALA B 64 -20.65 16.32 -32.43
N GLY B 65 -21.39 15.30 -32.87
CA GLY B 65 -20.98 14.36 -33.90
C GLY B 65 -20.08 13.24 -33.37
N TRP B 66 -19.46 13.39 -32.20
CA TRP B 66 -18.49 12.39 -31.79
C TRP B 66 -19.16 11.04 -31.73
N SER B 67 -18.47 9.98 -32.18
CA SER B 67 -18.90 8.64 -31.85
C SER B 67 -18.54 8.38 -30.39
N SER B 68 -19.11 7.29 -29.88
CA SER B 68 -18.86 6.81 -28.52
C SER B 68 -17.39 6.53 -28.32
N ASP B 69 -16.75 5.96 -29.36
CA ASP B 69 -15.36 5.54 -29.30
C ASP B 69 -14.44 6.76 -29.28
N LYS B 70 -14.82 7.83 -30.00
CA LYS B 70 -14.01 9.02 -29.95
C LYS B 70 -14.11 9.71 -28.58
N ALA B 71 -15.25 9.60 -27.92
CA ALA B 71 -15.42 10.32 -26.67
C ALA B 71 -14.56 9.66 -25.59
N HIS B 72 -14.66 8.33 -25.51
CA HIS B 72 -13.88 7.50 -24.60
C HIS B 72 -12.38 7.64 -24.85
N LYS B 73 -11.99 7.73 -26.12
CA LYS B 73 -10.60 7.90 -26.46
C LYS B 73 -10.13 9.28 -25.99
N VAL B 74 -10.95 10.31 -26.18
CA VAL B 74 -10.60 11.61 -25.66
C VAL B 74 -10.41 11.55 -24.16
N LEU B 75 -11.28 10.84 -23.45
CA LEU B 75 -11.14 10.71 -22.01
C LEU B 75 -9.88 9.92 -21.64
N LYS B 76 -9.58 8.88 -22.40
CA LYS B 76 -8.44 8.04 -22.11
C LYS B 76 -7.16 8.89 -22.23
N GLN B 77 -7.14 9.84 -23.16
CA GLN B 77 -5.94 10.59 -23.53
C GLN B 77 -5.77 11.83 -22.67
N ALA B 78 -6.83 12.27 -21.98
CA ALA B 78 -6.81 13.52 -21.23
C ALA B 78 -5.85 13.48 -20.06
N PHE B 79 -5.09 14.57 -19.84
CA PHE B 79 -4.29 14.66 -18.65
C PHE B 79 -5.25 14.69 -17.46
N GLY B 80 -4.88 13.95 -16.41
CA GLY B 80 -5.81 13.51 -15.38
C GLY B 80 -6.00 14.54 -14.28
N GLU B 81 -5.13 15.55 -14.23
CA GLU B 81 -5.21 16.55 -13.18
C GLU B 81 -6.52 17.34 -13.27
N LYS B 82 -6.89 17.83 -14.46
CA LYS B 82 -8.13 18.60 -14.57
C LYS B 82 -8.77 18.38 -15.93
N ILE B 83 -9.98 17.81 -15.86
CA ILE B 83 -10.82 17.56 -17.01
C ILE B 83 -12.10 18.35 -16.75
N THR B 84 -12.36 19.32 -17.63
CA THR B 84 -13.59 20.09 -17.56
C THR B 84 -14.60 19.53 -18.55
N MET B 85 -15.83 19.33 -18.05
CA MET B 85 -16.95 19.01 -18.91
C MET B 85 -18.03 20.08 -18.78
N THR B 86 -18.73 20.31 -19.88
CA THR B 86 -19.88 21.17 -19.87
C THR B 86 -21.10 20.27 -20.05
N ILE B 87 -22.02 20.34 -19.07
CA ILE B 87 -23.15 19.44 -18.97
C ILE B 87 -24.48 20.19 -19.15
N ARG B 88 -25.39 19.59 -19.92
CA ARG B 88 -26.80 19.89 -19.77
C ARG B 88 -27.39 18.76 -18.94
N ASP B 89 -28.21 19.10 -17.94
CA ASP B 89 -28.66 18.15 -16.93
C ASP B 89 -29.80 17.31 -17.48
N ARG B 90 -29.59 16.00 -17.53
CA ARG B 90 -30.59 14.99 -17.88
C ARG B 90 -31.67 15.44 -18.87
N PRO B 91 -31.33 15.91 -20.08
CA PRO B 91 -32.34 16.46 -21.00
C PRO B 91 -33.44 15.51 -21.47
N PHE B 92 -33.25 14.19 -21.35
CA PHE B 92 -34.25 13.29 -21.87
C PHE B 92 -35.22 12.91 -20.75
N GLU B 93 -34.97 13.41 -19.53
CA GLU B 93 -35.79 13.06 -18.40
C GLU B 93 -36.63 14.24 -17.93
N ARG B 94 -37.50 13.92 -16.94
CA ARG B 94 -38.34 14.83 -16.18
C ARG B 94 -38.63 14.19 -14.83
N THR B 95 -39.01 15.02 -13.86
CA THR B 95 -39.41 14.54 -12.54
C THR B 95 -40.92 14.71 -12.33
N ILE B 96 -41.45 13.81 -11.51
CA ILE B 96 -42.85 13.82 -11.15
C ILE B 96 -42.87 13.58 -9.65
N THR B 97 -43.61 14.43 -8.93
CA THR B 97 -43.71 14.28 -7.48
C THR B 97 -45.11 13.78 -7.14
N MET B 98 -45.17 12.80 -6.26
CA MET B 98 -46.41 12.14 -5.92
C MET B 98 -46.41 11.91 -4.40
N HIS B 99 -47.55 11.49 -3.82
CA HIS B 99 -47.70 11.33 -2.38
C HIS B 99 -48.31 9.96 -2.02
N LYS B 100 -47.54 9.12 -1.33
CA LYS B 100 -48.02 7.82 -0.88
C LYS B 100 -49.32 8.02 -0.09
N ASP B 101 -50.35 7.21 -0.39
CA ASP B 101 -51.66 7.32 0.24
C ASP B 101 -51.60 6.52 1.54
N SER B 102 -52.76 6.30 2.21
CA SER B 102 -52.81 5.58 3.47
C SER B 102 -52.28 4.15 3.32
N THR B 103 -52.49 3.58 2.13
CA THR B 103 -52.00 2.26 1.77
C THR B 103 -50.49 2.31 1.50
N GLY B 104 -49.97 3.50 1.17
CA GLY B 104 -48.53 3.67 0.99
C GLY B 104 -48.11 3.57 -0.47
N HIS B 105 -49.10 3.69 -1.37
CA HIS B 105 -48.91 3.58 -2.81
C HIS B 105 -49.09 4.95 -3.45
N VAL B 106 -48.45 5.15 -4.62
CA VAL B 106 -48.54 6.40 -5.39
C VAL B 106 -49.35 6.17 -6.66
N GLY B 107 -49.32 4.92 -7.17
CA GLY B 107 -50.37 4.39 -8.03
C GLY B 107 -49.92 4.06 -9.45
N PHE B 108 -49.01 3.11 -9.60
CA PHE B 108 -48.76 2.59 -10.93
C PHE B 108 -48.28 1.14 -10.86
N ILE B 109 -48.34 0.51 -12.02
CA ILE B 109 -47.74 -0.79 -12.21
C ILE B 109 -46.50 -0.61 -13.08
N PHE B 110 -45.41 -1.29 -12.73
CA PHE B 110 -44.23 -1.29 -13.59
C PHE B 110 -43.71 -2.72 -13.72
N LYS B 111 -42.77 -2.90 -14.67
CA LYS B 111 -42.14 -4.18 -14.97
C LYS B 111 -40.85 -3.91 -15.75
N ASN B 112 -39.77 -4.63 -15.41
CA ASN B 112 -38.40 -4.31 -15.78
C ASN B 112 -38.15 -2.80 -15.73
N GLY B 113 -38.53 -2.18 -14.61
CA GLY B 113 -38.34 -0.75 -14.45
C GLY B 113 -39.17 0.15 -15.37
N LYS B 114 -40.11 -0.41 -16.16
CA LYS B 114 -40.89 0.39 -17.08
C LYS B 114 -42.31 0.52 -16.55
N ILE B 115 -42.88 1.74 -16.64
CA ILE B 115 -44.21 2.04 -16.13
C ILE B 115 -45.21 1.52 -17.16
N THR B 116 -46.08 0.58 -16.74
CA THR B 116 -46.98 -0.07 -17.67
C THR B 116 -48.44 0.32 -17.45
N SER B 117 -48.79 0.84 -16.28
CA SER B 117 -50.18 1.18 -16.03
C SER B 117 -50.29 2.25 -14.94
N ILE B 118 -51.32 3.09 -15.06
CA ILE B 118 -51.54 4.18 -14.13
C ILE B 118 -52.80 3.87 -13.34
N VAL B 119 -52.69 3.69 -12.02
CA VAL B 119 -53.88 3.42 -11.22
C VAL B 119 -54.85 4.61 -11.30
N LYS B 120 -56.15 4.30 -11.24
CA LYS B 120 -57.22 5.29 -11.26
C LYS B 120 -57.24 6.03 -9.91
N ASP B 121 -57.65 7.31 -9.93
CA ASP B 121 -57.65 8.22 -8.79
C ASP B 121 -56.47 8.07 -7.84
N SER B 122 -55.26 7.99 -8.38
CA SER B 122 -54.05 7.86 -7.58
C SER B 122 -53.25 9.15 -7.63
N SER B 123 -52.29 9.30 -6.73
CA SER B 123 -51.36 10.42 -6.83
C SER B 123 -50.74 10.39 -8.23
N ALA B 124 -50.28 9.19 -8.62
CA ALA B 124 -49.63 9.00 -9.91
C ALA B 124 -50.49 9.56 -11.04
N ALA B 125 -51.81 9.35 -10.97
CA ALA B 125 -52.70 9.86 -12.02
C ALA B 125 -52.96 11.35 -11.87
N ARG B 126 -52.82 11.90 -10.66
CA ARG B 126 -53.07 13.33 -10.50
C ARG B 126 -51.99 14.12 -11.25
N ASN B 127 -50.76 13.59 -11.25
CA ASN B 127 -49.61 14.30 -11.77
C ASN B 127 -49.20 13.84 -13.16
N GLY B 128 -50.10 13.16 -13.87
CA GLY B 128 -49.87 12.77 -15.26
C GLY B 128 -48.67 11.85 -15.46
N LEU B 129 -48.37 10.96 -14.51
CA LEU B 129 -47.36 9.95 -14.75
C LEU B 129 -47.74 9.24 -16.04
N LEU B 130 -46.71 8.86 -16.82
CA LEU B 130 -46.90 8.33 -18.16
C LEU B 130 -46.39 6.88 -18.19
N THR B 131 -47.02 6.09 -19.06
CA THR B 131 -46.54 4.72 -19.25
C THR B 131 -45.46 4.73 -20.32
N GLU B 132 -44.83 3.56 -20.50
CA GLU B 132 -43.82 3.42 -21.53
C GLU B 132 -42.68 4.38 -21.20
N HIS B 133 -42.47 4.59 -19.90
CA HIS B 133 -41.40 5.44 -19.39
C HIS B 133 -40.61 4.57 -18.40
N ASN B 134 -39.28 4.59 -18.54
CA ASN B 134 -38.38 3.90 -17.64
C ASN B 134 -38.21 4.79 -16.41
N ILE B 135 -38.17 4.12 -15.27
CA ILE B 135 -37.81 4.75 -14.01
C ILE B 135 -36.29 4.84 -13.95
N CYS B 136 -35.78 6.07 -13.90
CA CYS B 136 -34.35 6.31 -13.81
C CYS B 136 -33.94 6.59 -12.36
N GLU B 137 -34.72 7.44 -11.67
CA GLU B 137 -34.33 7.78 -10.31
C GLU B 137 -35.55 7.80 -9.37
N ILE B 138 -35.35 7.48 -8.10
CA ILE B 138 -36.36 7.68 -7.08
C ILE B 138 -35.77 8.58 -5.98
N ASN B 139 -36.36 9.77 -5.83
CA ASN B 139 -35.84 10.76 -4.89
C ASN B 139 -34.38 11.08 -5.20
N GLY B 140 -34.07 11.29 -6.48
CA GLY B 140 -32.73 11.66 -6.88
C GLY B 140 -31.76 10.48 -6.88
N GLN B 141 -32.25 9.29 -6.49
CA GLN B 141 -31.40 8.12 -6.37
C GLN B 141 -31.57 7.23 -7.60
N ASN B 142 -30.44 6.91 -8.26
CA ASN B 142 -30.40 6.10 -9.47
C ASN B 142 -30.79 4.65 -9.15
N VAL B 143 -31.80 4.11 -9.86
CA VAL B 143 -32.19 2.71 -9.69
C VAL B 143 -32.00 1.91 -10.97
N ILE B 144 -31.21 2.42 -11.94
CA ILE B 144 -31.04 1.72 -13.19
C ILE B 144 -30.23 0.44 -12.96
N GLY B 145 -30.80 -0.71 -13.37
CA GLY B 145 -30.15 -1.99 -13.17
C GLY B 145 -30.62 -2.73 -11.91
N LEU B 146 -31.40 -2.07 -11.04
CA LEU B 146 -31.99 -2.70 -9.87
C LEU B 146 -33.18 -3.56 -10.28
N LYS B 147 -33.52 -4.56 -9.43
CA LYS B 147 -34.64 -5.45 -9.69
C LYS B 147 -35.96 -4.78 -9.29
N ASP B 148 -37.03 -5.18 -9.97
CA ASP B 148 -38.35 -4.64 -9.71
C ASP B 148 -38.66 -4.67 -8.21
N SER B 149 -38.20 -5.70 -7.50
CA SER B 149 -38.42 -5.78 -6.06
C SER B 149 -37.59 -4.74 -5.32
N GLN B 150 -36.34 -4.53 -5.76
CA GLN B 150 -35.45 -3.55 -5.14
C GLN B 150 -36.03 -2.15 -5.31
N ILE B 151 -36.53 -1.86 -6.51
CA ILE B 151 -37.13 -0.56 -6.78
C ILE B 151 -38.36 -0.41 -5.92
N ALA B 152 -39.04 -1.54 -5.66
CA ALA B 152 -40.24 -1.57 -4.84
C ALA B 152 -39.85 -1.26 -3.39
N ASP B 153 -38.78 -1.88 -2.89
CA ASP B 153 -38.31 -1.64 -1.53
C ASP B 153 -38.00 -0.16 -1.32
N ILE B 154 -37.29 0.43 -2.30
CA ILE B 154 -36.88 1.83 -2.24
C ILE B 154 -38.11 2.74 -2.22
N LEU B 155 -39.15 2.36 -2.96
CA LEU B 155 -40.40 3.12 -2.97
C LEU B 155 -41.05 3.02 -1.59
N SER B 156 -40.97 1.84 -0.98
CA SER B 156 -41.61 1.65 0.32
C SER B 156 -40.81 2.41 1.37
N THR B 157 -39.54 2.05 1.56
CA THR B 157 -38.71 2.70 2.58
C THR B 157 -38.45 4.14 2.16
N SER B 158 -39.46 4.80 1.59
CA SER B 158 -39.33 6.15 1.07
C SER B 158 -40.05 7.09 2.00
N GLY B 159 -41.11 7.78 1.53
CA GLY B 159 -41.82 8.74 2.35
C GLY B 159 -43.02 9.34 1.64
N THR B 160 -43.97 9.87 2.40
CA THR B 160 -45.19 10.35 1.80
C THR B 160 -44.88 11.05 0.48
N VAL B 161 -43.69 11.66 0.42
CA VAL B 161 -43.33 12.50 -0.71
C VAL B 161 -42.29 11.73 -1.53
N VAL B 162 -42.64 11.46 -2.79
CA VAL B 162 -41.87 10.59 -3.67
C VAL B 162 -41.69 11.34 -5.00
N THR B 163 -40.44 11.62 -5.38
CA THR B 163 -40.17 12.16 -6.71
C THR B 163 -39.51 11.07 -7.55
N ILE B 164 -40.08 10.87 -8.75
CA ILE B 164 -39.61 9.86 -9.69
C ILE B 164 -39.09 10.60 -10.91
N THR B 165 -37.94 10.19 -11.43
CA THR B 165 -37.42 10.70 -12.69
C THR B 165 -37.60 9.63 -13.77
N ILE B 166 -38.24 9.97 -14.88
CA ILE B 166 -38.59 9.02 -15.91
C ILE B 166 -37.97 9.46 -17.24
N MET B 167 -37.83 8.50 -18.15
CA MET B 167 -37.32 8.75 -19.50
C MET B 167 -38.16 7.88 -20.45
N PRO B 168 -38.57 8.42 -21.63
CA PRO B 168 -39.27 7.59 -22.62
C PRO B 168 -38.46 6.34 -22.91
N ALA B 169 -39.16 5.19 -23.04
CA ALA B 169 -38.53 3.89 -23.06
C ALA B 169 -37.68 3.71 -24.31
N PHE B 170 -38.10 4.32 -25.43
N PHE B 170 -38.09 4.28 -25.44
CA PHE B 170 -37.36 4.17 -26.69
CA PHE B 170 -37.32 4.10 -26.67
C PHE B 170 -35.98 4.80 -26.55
C PHE B 170 -35.96 4.78 -26.52
N ILE B 171 -35.89 5.90 -25.81
CA ILE B 171 -34.63 6.60 -25.62
C ILE B 171 -33.78 5.84 -24.61
N PHE B 172 -34.41 5.45 -23.49
CA PHE B 172 -33.76 4.60 -22.50
C PHE B 172 -33.12 3.36 -23.14
N GLU B 173 -33.86 2.61 -23.97
CA GLU B 173 -33.34 1.41 -24.62
C GLU B 173 -32.22 1.73 -25.61
N HIS B 174 -32.18 2.95 -26.17
CA HIS B 174 -31.09 3.41 -27.02
C HIS B 174 -29.81 3.71 -26.23
N ILE B 175 -29.94 4.43 -25.10
CA ILE B 175 -28.79 4.87 -24.33
C ILE B 175 -28.00 3.68 -23.73
N ILE B 176 -28.68 2.59 -23.38
CA ILE B 176 -28.03 1.45 -22.73
C ILE B 176 -27.43 0.47 -23.74
N LYS B 177 -27.67 0.70 -25.05
CA LYS B 177 -27.03 -0.09 -26.10
C LYS B 177 -25.51 0.07 -26.04
N ARG B 178 -24.80 -0.94 -26.57
CA ARG B 178 -23.35 -1.01 -26.53
C ARG B 178 -22.85 -1.01 -25.08
N MET B 179 -23.54 -1.76 -24.21
CA MET B 179 -23.10 -1.95 -22.84
C MET B 179 -23.79 -3.20 -22.31
N ALA B 180 -22.98 -4.19 -21.87
CA ALA B 180 -23.45 -5.48 -21.40
C ALA B 180 -24.27 -5.31 -20.12
N PRO B 181 -25.53 -5.79 -20.06
CA PRO B 181 -26.36 -5.63 -18.87
C PRO B 181 -25.72 -6.04 -17.54
N SER B 182 -24.62 -6.81 -17.57
CA SER B 182 -23.99 -7.30 -16.36
C SER B 182 -23.10 -6.21 -15.76
N ILE B 183 -22.65 -5.29 -16.63
CA ILE B 183 -21.85 -4.13 -16.26
C ILE B 183 -22.77 -3.09 -15.60
N MET B 184 -23.85 -2.77 -16.31
CA MET B 184 -24.85 -1.80 -15.89
C MET B 184 -25.50 -2.28 -14.60
N LYS B 185 -25.68 -3.59 -14.49
CA LYS B 185 -26.22 -4.19 -13.28
C LYS B 185 -25.23 -4.03 -12.14
N SER B 186 -23.94 -4.23 -12.39
CA SER B 186 -23.04 -4.35 -11.26
C SER B 186 -22.40 -3.00 -10.93
N LEU B 187 -22.33 -2.09 -11.91
CA LEU B 187 -21.49 -0.91 -11.76
C LEU B 187 -22.30 0.37 -11.59
N MET B 188 -23.57 0.41 -12.01
CA MET B 188 -24.29 1.67 -11.96
C MET B 188 -24.23 2.18 -10.52
N ASP B 189 -24.09 3.50 -10.38
CA ASP B 189 -24.04 4.22 -9.11
C ASP B 189 -25.47 4.29 -8.58
N HIS B 190 -25.70 3.91 -7.31
CA HIS B 190 -27.02 4.02 -6.68
C HIS B 190 -26.91 4.74 -5.34
N THR B 191 -25.83 5.51 -5.18
CA THR B 191 -25.63 6.39 -4.04
C THR B 191 -26.86 7.24 -3.78
N ILE B 192 -27.17 7.40 -2.50
CA ILE B 192 -28.25 8.27 -2.10
C ILE B 192 -27.69 9.68 -2.13
N PRO B 193 -28.40 10.70 -2.69
CA PRO B 193 -27.87 12.06 -2.71
C PRO B 193 -27.40 12.51 -1.33
N GLU B 194 -26.23 13.17 -1.30
CA GLU B 194 -25.62 13.74 -0.11
C GLU B 194 -25.80 15.24 -0.13
N VAL B 195 -25.47 15.92 0.98
CA VAL B 195 -25.40 17.38 0.96
C VAL B 195 -24.06 17.81 1.55
N ALA C 3 30.13 6.68 4.33
CA ALA C 3 28.66 6.72 4.15
C ALA C 3 28.29 7.34 2.81
N GLU C 4 28.62 8.63 2.61
CA GLU C 4 28.12 9.44 1.49
C GLU C 4 28.61 8.85 0.16
N ILE C 5 27.68 8.63 -0.79
CA ILE C 5 27.97 7.99 -2.07
C ILE C 5 28.74 8.98 -2.98
N LYS C 6 29.97 8.59 -3.37
CA LYS C 6 30.77 9.33 -4.33
C LYS C 6 30.13 9.22 -5.71
N GLN C 7 30.33 10.25 -6.55
CA GLN C 7 29.99 10.18 -7.97
C GLN C 7 31.27 9.86 -8.75
N GLY C 8 31.10 9.50 -10.03
CA GLY C 8 32.24 9.21 -10.86
C GLY C 8 33.03 7.97 -10.41
N ILE C 9 34.08 7.73 -11.20
CA ILE C 9 34.83 6.49 -11.24
C ILE C 9 36.16 6.70 -10.50
N ARG C 10 36.53 5.78 -9.62
CA ARG C 10 37.90 5.74 -9.12
C ARG C 10 38.57 4.41 -9.50
N GLU C 11 39.89 4.38 -9.30
CA GLU C 11 40.70 3.20 -9.54
C GLU C 11 41.24 2.72 -8.21
N VAL C 12 41.36 1.40 -8.05
CA VAL C 12 42.05 0.81 -6.92
C VAL C 12 43.07 -0.18 -7.45
N ILE C 13 44.24 -0.20 -6.78
CA ILE C 13 45.24 -1.22 -7.00
C ILE C 13 45.13 -2.19 -5.81
N LEU C 14 45.25 -3.49 -6.10
CA LEU C 14 45.22 -4.53 -5.07
C LEU C 14 46.43 -5.44 -5.24
N CYS C 15 46.82 -6.09 -4.14
CA CYS C 15 47.67 -7.27 -4.19
C CYS C 15 46.97 -8.42 -3.45
N LYS C 16 47.10 -9.63 -4.00
CA LYS C 16 46.55 -10.82 -3.37
C LYS C 16 47.31 -11.09 -2.07
N ASP C 17 46.59 -11.52 -1.03
CA ASP C 17 47.20 -11.80 0.26
C ASP C 17 48.05 -13.07 0.12
N GLN C 18 48.59 -13.52 1.25
CA GLN C 18 49.51 -14.65 1.26
C GLN C 18 48.84 -15.91 0.72
N ASP C 19 47.54 -16.09 0.99
CA ASP C 19 46.79 -17.23 0.47
C ASP C 19 46.29 -17.00 -0.97
N GLY C 20 46.66 -15.90 -1.64
CA GLY C 20 46.22 -15.63 -3.00
C GLY C 20 44.75 -15.23 -3.12
N LYS C 21 44.13 -14.79 -2.03
CA LYS C 21 42.80 -14.20 -2.04
C LYS C 21 42.94 -12.67 -2.08
N ILE C 22 41.92 -12.00 -2.65
CA ILE C 22 41.73 -10.56 -2.50
C ILE C 22 40.54 -10.31 -1.61
N GLY C 23 39.68 -11.31 -1.42
CA GLY C 23 38.63 -11.25 -0.42
C GLY C 23 37.30 -10.69 -0.94
N LEU C 24 36.93 -11.12 -2.17
CA LEU C 24 35.75 -10.64 -2.88
C LEU C 24 34.86 -11.79 -3.34
N ARG C 25 33.55 -11.54 -3.34
CA ARG C 25 32.62 -12.26 -4.21
C ARG C 25 31.93 -11.23 -5.11
N LEU C 26 31.88 -11.55 -6.42
CA LEU C 26 31.31 -10.70 -7.44
C LEU C 26 30.03 -11.34 -8.01
N LYS C 27 29.21 -10.52 -8.70
CA LYS C 27 27.88 -10.93 -9.11
C LYS C 27 27.42 -10.16 -10.34
N SER C 28 26.82 -10.89 -11.28
CA SER C 28 26.29 -10.28 -12.49
C SER C 28 24.91 -9.70 -12.20
N ILE C 29 24.74 -8.41 -12.55
CA ILE C 29 23.47 -7.73 -12.49
C ILE C 29 23.34 -6.82 -13.72
N ASP C 30 22.32 -7.03 -14.55
CA ASP C 30 21.95 -6.08 -15.60
C ASP C 30 23.16 -5.84 -16.49
N ASN C 31 23.93 -6.91 -16.76
CA ASN C 31 25.14 -6.92 -17.57
C ASN C 31 26.26 -6.03 -17.04
N GLY C 32 26.21 -5.74 -15.73
CA GLY C 32 27.37 -5.20 -15.01
C GLY C 32 27.93 -6.22 -14.03
N ILE C 33 29.03 -5.85 -13.35
CA ILE C 33 29.56 -6.71 -12.30
C ILE C 33 29.56 -5.93 -10.99
N PHE C 34 29.06 -6.57 -9.94
CA PHE C 34 28.85 -5.92 -8.64
C PHE C 34 29.41 -6.79 -7.50
N VAL C 35 29.90 -6.12 -6.44
CA VAL C 35 30.39 -6.76 -5.23
C VAL C 35 29.21 -7.29 -4.41
N GLN C 36 29.17 -8.62 -4.15
CA GLN C 36 28.14 -9.16 -3.25
C GLN C 36 28.74 -9.50 -1.89
N LEU C 37 30.06 -9.56 -1.80
CA LEU C 37 30.70 -9.75 -0.51
C LEU C 37 32.12 -9.20 -0.54
N VAL C 38 32.47 -8.51 0.55
CA VAL C 38 33.86 -8.17 0.88
C VAL C 38 34.16 -8.77 2.26
N GLN C 39 35.35 -9.34 2.43
CA GLN C 39 35.69 -9.92 3.73
C GLN C 39 36.44 -8.92 4.59
N ALA C 40 36.16 -8.91 5.90
CA ALA C 40 36.98 -8.14 6.81
C ALA C 40 38.44 -8.56 6.66
N ASN C 41 39.35 -7.58 6.65
N ASN C 41 39.35 -7.59 6.83
CA ASN C 41 40.77 -7.84 6.75
CA ASN C 41 40.80 -7.73 6.69
C ASN C 41 41.30 -8.45 5.45
C ASN C 41 41.14 -8.64 5.52
N SER C 42 40.51 -8.34 4.38
CA SER C 42 40.97 -8.75 3.06
C SER C 42 41.68 -7.55 2.48
N PRO C 43 42.52 -7.75 1.45
CA PRO C 43 43.01 -6.64 0.62
C PRO C 43 41.92 -5.78 -0.01
N ALA C 44 40.68 -6.30 0.00
CA ALA C 44 39.57 -5.66 -0.68
C ALA C 44 38.97 -4.61 0.24
N SER C 45 38.74 -5.02 1.49
CA SER C 45 38.18 -4.14 2.50
C SER C 45 39.16 -3.05 2.86
N LEU C 46 40.46 -3.38 2.81
CA LEU C 46 41.51 -2.47 3.24
C LEU C 46 41.64 -1.33 2.23
N VAL C 47 41.50 -1.65 0.95
CA VAL C 47 41.70 -0.66 -0.09
C VAL C 47 40.42 0.15 -0.30
N GLY C 48 39.27 -0.32 0.23
CA GLY C 48 38.02 0.43 0.32
C GLY C 48 36.85 -0.09 -0.53
N LEU C 49 36.93 -1.29 -1.11
CA LEU C 49 35.79 -1.88 -1.80
C LEU C 49 34.71 -2.18 -0.79
N ARG C 50 33.46 -2.00 -1.24
CA ARG C 50 32.29 -2.14 -0.41
C ARG C 50 31.23 -2.96 -1.14
N PHE C 51 30.39 -3.63 -0.36
CA PHE C 51 29.18 -4.27 -0.86
C PHE C 51 28.43 -3.29 -1.75
N GLY C 52 28.19 -3.69 -3.00
CA GLY C 52 27.27 -2.97 -3.86
C GLY C 52 28.02 -2.13 -4.89
N ASP C 53 29.35 -2.09 -4.74
CA ASP C 53 30.23 -1.42 -5.68
C ASP C 53 30.18 -2.12 -7.04
N GLN C 54 30.35 -1.34 -8.13
CA GLN C 54 30.38 -1.86 -9.49
C GLN C 54 31.82 -1.91 -10.01
N VAL C 55 32.21 -3.06 -10.57
CA VAL C 55 33.50 -3.24 -11.23
C VAL C 55 33.32 -3.05 -12.73
N LEU C 56 33.94 -1.98 -13.25
CA LEU C 56 33.75 -1.57 -14.62
C LEU C 56 34.88 -2.13 -15.49
N GLN C 57 36.09 -2.18 -14.91
CA GLN C 57 37.27 -2.74 -15.56
C GLN C 57 38.09 -3.54 -14.54
N ILE C 58 38.77 -4.60 -15.02
CA ILE C 58 39.78 -5.34 -14.27
C ILE C 58 41.01 -5.47 -15.16
N ASN C 59 42.13 -4.99 -14.62
CA ASN C 59 43.38 -4.88 -15.37
C ASN C 59 43.10 -4.21 -16.70
N GLY C 60 42.13 -3.27 -16.69
CA GLY C 60 41.92 -2.37 -17.81
C GLY C 60 41.17 -3.04 -18.96
N GLU C 61 40.31 -4.00 -18.62
CA GLU C 61 39.37 -4.60 -19.55
C GLU C 61 37.97 -4.45 -18.97
N ASN C 62 36.98 -4.29 -19.86
CA ASN C 62 35.62 -3.98 -19.45
C ASN C 62 35.02 -5.26 -18.89
N CYS C 63 34.21 -5.17 -17.82
CA CYS C 63 33.51 -6.32 -17.31
C CYS C 63 32.10 -6.41 -17.88
N ALA C 64 31.69 -5.45 -18.72
CA ALA C 64 30.35 -5.52 -19.31
C ALA C 64 30.12 -6.90 -19.95
N GLY C 65 29.07 -7.58 -19.48
CA GLY C 65 28.62 -8.82 -20.09
C GLY C 65 29.03 -10.05 -19.27
N TRP C 66 30.18 -9.94 -18.57
CA TRP C 66 30.79 -11.04 -17.86
C TRP C 66 29.74 -11.73 -16.99
N SER C 67 29.81 -13.06 -16.93
CA SER C 67 29.15 -13.82 -15.87
C SER C 67 29.95 -13.69 -14.57
N SER C 68 29.29 -14.01 -13.48
CA SER C 68 29.90 -14.10 -12.17
C SER C 68 31.13 -14.99 -12.24
N ASP C 69 30.99 -16.13 -12.95
CA ASP C 69 32.00 -17.16 -13.11
C ASP C 69 33.18 -16.61 -13.91
N LYS C 70 32.89 -15.79 -14.93
CA LYS C 70 33.96 -15.25 -15.75
C LYS C 70 34.78 -14.22 -14.96
N ALA C 71 34.12 -13.52 -14.04
CA ALA C 71 34.81 -12.48 -13.25
C ALA C 71 35.74 -13.11 -12.22
N HIS C 72 35.23 -14.15 -11.55
CA HIS C 72 35.98 -14.84 -10.52
C HIS C 72 37.22 -15.46 -11.15
N LYS C 73 37.02 -16.11 -12.30
CA LYS C 73 38.10 -16.82 -12.97
C LYS C 73 39.15 -15.83 -13.47
N VAL C 74 38.74 -14.62 -13.83
CA VAL C 74 39.71 -13.65 -14.33
C VAL C 74 40.61 -13.25 -13.17
N LEU C 75 39.99 -13.01 -12.02
CA LEU C 75 40.76 -12.66 -10.83
C LEU C 75 41.61 -13.85 -10.36
N LYS C 76 41.09 -15.07 -10.53
CA LYS C 76 41.80 -16.30 -10.17
C LYS C 76 43.17 -16.30 -10.85
N GLN C 77 43.17 -15.96 -12.15
CA GLN C 77 44.35 -16.13 -13.00
C GLN C 77 45.21 -14.88 -13.03
N ALA C 78 44.75 -13.85 -12.33
CA ALA C 78 45.47 -12.59 -12.23
C ALA C 78 46.70 -12.78 -11.33
N PHE C 79 47.87 -12.81 -11.95
CA PHE C 79 49.10 -13.08 -11.23
C PHE C 79 50.20 -12.13 -11.69
N GLY C 80 49.82 -10.96 -12.22
CA GLY C 80 50.72 -9.82 -12.18
C GLY C 80 50.95 -9.41 -10.72
N GLU C 81 51.76 -8.36 -10.51
CA GLU C 81 52.14 -7.95 -9.17
C GLU C 81 51.08 -6.98 -8.60
N LYS C 82 50.25 -6.39 -9.47
CA LYS C 82 49.08 -5.65 -9.04
C LYS C 82 47.84 -6.12 -9.78
N ILE C 83 46.68 -5.86 -9.17
CA ILE C 83 45.39 -5.98 -9.82
C ILE C 83 44.71 -4.61 -9.79
N THR C 84 44.53 -3.96 -10.94
CA THR C 84 43.79 -2.71 -11.04
C THR C 84 42.31 -2.99 -11.32
N MET C 85 41.42 -2.46 -10.46
CA MET C 85 39.99 -2.43 -10.71
C MET C 85 39.57 -0.96 -10.82
N THR C 86 38.79 -0.63 -11.86
CA THR C 86 38.02 0.61 -11.91
C THR C 86 36.62 0.41 -11.35
N ILE C 87 36.18 1.34 -10.49
CA ILE C 87 35.00 1.16 -9.65
C ILE C 87 34.02 2.32 -9.80
N ARG C 88 32.71 2.01 -9.74
CA ARG C 88 31.69 3.02 -9.48
C ARG C 88 31.04 2.70 -8.15
N ASP C 89 30.85 3.76 -7.35
CA ASP C 89 30.53 3.66 -5.95
C ASP C 89 29.05 3.35 -5.80
N ARG C 90 28.78 2.26 -5.08
CA ARG C 90 27.46 1.80 -4.67
C ARG C 90 26.29 2.36 -5.47
N PRO C 91 26.27 2.15 -6.81
CA PRO C 91 25.36 2.86 -7.71
C PRO C 91 23.89 2.60 -7.46
N PHE C 92 23.59 1.44 -6.84
CA PHE C 92 22.22 1.09 -6.56
C PHE C 92 21.80 1.59 -5.20
N GLU C 93 22.67 2.27 -4.44
CA GLU C 93 22.30 2.66 -3.07
C GLU C 93 22.29 4.18 -2.92
N ARG C 94 21.52 4.68 -1.95
N ARG C 94 21.58 4.66 -1.90
CA ARG C 94 21.56 6.07 -1.52
CA ARG C 94 21.54 6.07 -1.52
C ARG C 94 21.83 6.11 -0.02
C ARG C 94 21.57 6.21 0.01
N THR C 95 22.15 7.31 0.50
CA THR C 95 22.31 7.53 1.92
C THR C 95 21.28 8.55 2.38
N ILE C 96 20.57 8.24 3.47
CA ILE C 96 19.60 9.12 4.08
C ILE C 96 20.08 9.49 5.47
N THR C 97 20.00 10.79 5.81
CA THR C 97 20.42 11.29 7.12
C THR C 97 19.21 11.75 7.95
N MET C 98 19.16 11.28 9.19
CA MET C 98 18.01 11.48 10.04
C MET C 98 18.48 11.92 11.44
N HIS C 99 17.59 12.62 12.15
CA HIS C 99 17.86 13.07 13.52
C HIS C 99 16.90 12.32 14.46
N LYS C 100 17.45 11.51 15.36
CA LYS C 100 16.67 10.89 16.41
C LYS C 100 15.79 11.94 17.07
N ASP C 101 14.56 11.56 17.47
CA ASP C 101 13.74 12.41 18.33
C ASP C 101 14.31 12.41 19.75
N SER C 102 13.54 12.92 20.72
CA SER C 102 14.02 13.01 22.10
C SER C 102 14.15 11.62 22.71
N THR C 103 13.20 10.72 22.41
CA THR C 103 13.19 9.38 22.96
C THR C 103 14.24 8.53 22.25
N GLY C 104 14.91 9.10 21.24
CA GLY C 104 16.02 8.43 20.58
C GLY C 104 15.54 7.48 19.47
N HIS C 105 14.44 7.87 18.82
CA HIS C 105 13.83 7.12 17.74
C HIS C 105 14.00 7.90 16.42
N VAL C 106 14.41 7.19 15.35
CA VAL C 106 14.53 7.76 14.01
C VAL C 106 13.16 7.78 13.32
N GLY C 107 12.48 6.63 13.43
CA GLY C 107 11.07 6.49 13.12
C GLY C 107 10.83 5.53 11.95
N PHE C 108 11.46 4.36 11.97
CA PHE C 108 11.07 3.31 11.05
C PHE C 108 11.12 1.96 11.74
N ILE C 109 10.63 0.93 11.03
CA ILE C 109 10.47 -0.43 11.50
C ILE C 109 11.06 -1.35 10.44
N PHE C 110 11.60 -2.50 10.85
CA PHE C 110 12.37 -3.31 9.89
C PHE C 110 12.48 -4.76 10.31
N LYS C 111 12.35 -5.66 9.33
CA LYS C 111 12.45 -7.09 9.52
C LYS C 111 13.47 -7.63 8.52
N ASN C 112 14.33 -8.53 8.96
CA ASN C 112 15.43 -9.02 8.14
C ASN C 112 16.20 -7.85 7.51
N GLY C 113 16.24 -6.71 8.21
CA GLY C 113 17.03 -5.56 7.80
C GLY C 113 16.42 -4.82 6.60
N LYS C 114 15.09 -4.83 6.50
CA LYS C 114 14.37 -4.27 5.36
C LYS C 114 13.26 -3.38 5.89
N ILE C 115 13.26 -2.09 5.51
CA ILE C 115 12.33 -1.18 6.14
C ILE C 115 10.92 -1.58 5.73
N THR C 116 10.00 -1.64 6.71
CA THR C 116 8.66 -2.15 6.46
C THR C 116 7.60 -1.13 6.86
N SER C 117 8.01 -0.06 7.56
CA SER C 117 7.08 0.95 8.02
C SER C 117 7.83 2.23 8.39
N ILE C 118 7.21 3.40 8.12
CA ILE C 118 7.72 4.71 8.50
C ILE C 118 6.72 5.36 9.44
N VAL C 119 7.21 5.90 10.56
CA VAL C 119 6.36 6.55 11.56
C VAL C 119 5.94 7.93 11.06
N LYS C 120 4.69 8.29 11.33
CA LYS C 120 4.20 9.62 10.98
C LYS C 120 5.00 10.65 11.78
N ASP C 121 5.42 11.73 11.08
CA ASP C 121 6.03 12.90 11.70
C ASP C 121 7.42 12.61 12.25
N SER C 122 8.05 11.52 11.81
CA SER C 122 9.41 11.20 12.23
C SER C 122 10.40 11.86 11.28
N SER C 123 11.68 11.85 11.67
CA SER C 123 12.75 12.32 10.80
C SER C 123 12.89 11.37 9.61
N ALA C 124 12.40 10.14 9.77
CA ALA C 124 12.36 9.17 8.69
C ALA C 124 11.37 9.62 7.63
N ALA C 125 10.15 9.94 8.08
CA ALA C 125 9.16 10.53 7.21
C ALA C 125 9.64 11.86 6.63
N ARG C 126 10.29 12.70 7.44
CA ARG C 126 10.60 14.08 7.06
C ARG C 126 11.63 14.14 5.95
N ASN C 127 12.51 13.14 5.92
CA ASN C 127 13.57 12.97 4.93
C ASN C 127 13.26 11.85 3.94
N GLY C 128 12.00 11.38 3.90
CA GLY C 128 11.54 10.50 2.84
C GLY C 128 12.29 9.16 2.74
N LEU C 129 12.67 8.58 3.89
CA LEU C 129 13.05 7.18 3.93
C LEU C 129 11.91 6.34 3.35
N LEU C 130 12.27 5.25 2.68
CA LEU C 130 11.29 4.47 1.94
C LEU C 130 11.19 3.06 2.53
N THR C 131 9.99 2.46 2.46
CA THR C 131 9.79 1.04 2.74
C THR C 131 10.24 0.19 1.57
N GLU C 132 10.47 -1.10 1.81
CA GLU C 132 10.85 -2.03 0.77
C GLU C 132 12.27 -1.70 0.27
N HIS C 133 13.12 -1.26 1.20
CA HIS C 133 14.53 -1.07 0.97
C HIS C 133 15.34 -1.81 2.03
N ASN C 134 16.43 -2.46 1.61
CA ASN C 134 17.34 -3.12 2.55
C ASN C 134 18.40 -2.14 3.05
N ILE C 135 18.55 -2.08 4.39
CA ILE C 135 19.62 -1.38 5.07
C ILE C 135 20.95 -2.06 4.78
N CYS C 136 21.85 -1.33 4.13
CA CYS C 136 23.14 -1.86 3.75
C CYS C 136 24.24 -1.41 4.70
N GLU C 137 24.17 -0.12 5.09
CA GLU C 137 25.15 0.45 5.99
C GLU C 137 24.41 1.33 6.98
N ILE C 138 25.02 1.49 8.19
CA ILE C 138 24.67 2.53 9.14
C ILE C 138 25.93 3.35 9.45
N ASN C 139 25.88 4.67 9.20
CA ASN C 139 27.03 5.53 9.30
C ASN C 139 28.24 4.90 8.64
N GLY C 140 28.08 4.42 7.41
CA GLY C 140 29.21 3.88 6.69
C GLY C 140 29.61 2.47 7.13
N GLN C 141 28.93 1.92 8.15
CA GLN C 141 29.28 0.59 8.60
C GLN C 141 28.33 -0.43 7.98
N ASN C 142 28.89 -1.34 7.17
CA ASN C 142 28.18 -2.46 6.56
C ASN C 142 27.52 -3.31 7.64
N VAL C 143 26.18 -3.44 7.59
CA VAL C 143 25.48 -4.28 8.56
C VAL C 143 24.79 -5.44 7.84
N ILE C 144 25.40 -5.94 6.76
CA ILE C 144 24.75 -6.98 5.99
C ILE C 144 25.06 -8.35 6.60
N GLY C 145 24.03 -8.97 7.22
CA GLY C 145 24.17 -10.23 7.93
C GLY C 145 23.62 -10.18 9.36
N LEU C 146 23.59 -8.99 9.97
CA LEU C 146 23.37 -8.83 11.40
C LEU C 146 21.86 -8.88 11.67
N LYS C 147 21.48 -9.27 12.88
CA LYS C 147 20.09 -9.56 13.18
C LYS C 147 19.34 -8.26 13.48
N ASP C 148 18.02 -8.31 13.42
CA ASP C 148 17.26 -7.11 13.72
C ASP C 148 17.76 -6.52 15.04
N SER C 149 18.15 -7.39 15.99
CA SER C 149 18.58 -6.96 17.32
C SER C 149 19.98 -6.32 17.24
N GLN C 150 20.89 -6.87 16.44
CA GLN C 150 22.21 -6.27 16.30
C GLN C 150 22.10 -4.88 15.65
N ILE C 151 21.35 -4.83 14.54
CA ILE C 151 21.26 -3.62 13.74
C ILE C 151 20.66 -2.54 14.62
N ALA C 152 19.65 -2.94 15.39
CA ALA C 152 19.00 -2.03 16.33
C ALA C 152 19.97 -1.64 17.44
N ASP C 153 20.98 -2.46 17.73
CA ASP C 153 22.00 -2.14 18.74
C ASP C 153 22.79 -0.92 18.29
N ILE C 154 23.17 -0.93 17.02
CA ILE C 154 23.97 0.11 16.41
C ILE C 154 23.15 1.39 16.29
N LEU C 155 21.83 1.23 16.09
CA LEU C 155 20.94 2.36 15.91
C LEU C 155 20.74 3.05 17.25
N SER C 156 20.71 2.25 18.32
CA SER C 156 20.69 2.78 19.67
C SER C 156 22.01 3.46 19.99
N THR C 157 23.15 2.88 19.57
CA THR C 157 24.48 3.34 19.97
C THR C 157 25.11 4.29 18.94
N SER C 158 24.39 4.64 17.87
CA SER C 158 24.77 5.82 17.11
C SER C 158 24.29 7.04 17.87
N GLY C 159 24.67 8.22 17.41
CA GLY C 159 24.26 9.44 18.07
C GLY C 159 22.86 9.89 17.63
N THR C 160 22.61 11.19 17.75
CA THR C 160 21.32 11.78 17.43
C THR C 160 21.11 11.81 15.91
N VAL C 161 22.24 11.84 15.18
CA VAL C 161 22.26 11.98 13.73
C VAL C 161 22.64 10.66 13.08
N VAL C 162 21.72 10.00 12.37
CA VAL C 162 22.02 8.70 11.80
C VAL C 162 21.92 8.73 10.26
N THR C 163 22.88 8.07 9.61
CA THR C 163 22.93 7.97 8.16
C THR C 163 22.71 6.50 7.73
N ILE C 164 21.59 6.20 7.08
CA ILE C 164 21.36 4.83 6.62
C ILE C 164 21.70 4.76 5.13
N THR C 165 22.41 3.71 4.69
CA THR C 165 22.59 3.47 3.27
C THR C 165 21.65 2.36 2.83
N ILE C 166 20.61 2.73 2.06
CA ILE C 166 19.56 1.81 1.66
C ILE C 166 19.69 1.47 0.18
N MET C 167 19.13 0.31 -0.17
CA MET C 167 19.11 -0.24 -1.51
C MET C 167 17.74 -0.86 -1.75
N PRO C 168 17.08 -0.62 -2.91
CA PRO C 168 15.77 -1.24 -3.19
C PRO C 168 15.84 -2.75 -2.96
N ALA C 169 14.83 -3.29 -2.27
CA ALA C 169 14.88 -4.70 -1.86
C ALA C 169 15.12 -5.65 -3.04
N PHE C 170 14.48 -5.39 -4.19
N PHE C 170 14.46 -5.42 -4.20
CA PHE C 170 14.52 -6.35 -5.28
CA PHE C 170 14.52 -6.37 -5.30
C PHE C 170 15.92 -6.39 -5.88
C PHE C 170 15.95 -6.40 -5.85
N ILE C 171 16.65 -5.27 -5.79
CA ILE C 171 18.02 -5.29 -6.25
C ILE C 171 18.87 -5.99 -5.20
N PHE C 172 18.54 -5.76 -3.95
CA PHE C 172 19.28 -6.36 -2.86
C PHE C 172 19.18 -7.89 -2.91
N GLU C 173 17.96 -8.43 -2.99
CA GLU C 173 17.74 -9.87 -3.13
C GLU C 173 18.48 -10.42 -4.35
N HIS C 174 18.50 -9.67 -5.44
CA HIS C 174 19.13 -10.19 -6.64
C HIS C 174 20.61 -10.32 -6.36
N ILE C 175 21.23 -9.23 -5.86
CA ILE C 175 22.65 -9.23 -5.59
C ILE C 175 23.07 -10.38 -4.67
N ILE C 176 22.24 -10.76 -3.68
CA ILE C 176 22.67 -11.72 -2.67
C ILE C 176 22.35 -13.17 -3.09
N LYS C 177 21.66 -13.36 -4.21
CA LYS C 177 21.54 -14.67 -4.86
C LYS C 177 22.94 -15.21 -5.12
N ARG C 178 23.02 -16.56 -5.16
CA ARG C 178 24.21 -17.29 -5.55
C ARG C 178 25.18 -17.31 -4.37
N MET C 179 24.60 -17.23 -3.16
CA MET C 179 25.37 -17.16 -1.94
C MET C 179 24.43 -17.49 -0.77
N ALA C 180 24.92 -18.30 0.18
CA ALA C 180 24.09 -18.81 1.27
C ALA C 180 24.07 -17.82 2.44
N PRO C 181 22.91 -17.57 3.09
CA PRO C 181 22.84 -16.64 4.23
C PRO C 181 23.72 -16.97 5.44
N SER C 182 24.22 -18.21 5.49
CA SER C 182 25.14 -18.61 6.54
C SER C 182 26.53 -18.05 6.27
N ILE C 183 26.98 -18.15 5.01
CA ILE C 183 28.30 -17.69 4.58
C ILE C 183 28.30 -16.17 4.51
N MET C 184 27.18 -15.61 4.04
CA MET C 184 27.08 -14.17 3.92
C MET C 184 27.40 -13.58 5.28
N LYS C 185 26.65 -14.03 6.30
CA LYS C 185 26.76 -13.43 7.62
C LYS C 185 28.16 -13.65 8.20
N SER C 186 28.75 -14.80 7.92
CA SER C 186 29.95 -15.23 8.61
C SER C 186 31.18 -14.48 8.12
N LEU C 187 31.15 -14.06 6.84
CA LEU C 187 32.32 -13.53 6.16
C LEU C 187 32.21 -12.02 5.90
N MET C 188 30.99 -11.48 5.86
CA MET C 188 30.76 -10.11 5.42
C MET C 188 31.49 -9.10 6.31
N ASP C 189 32.37 -8.31 5.69
CA ASP C 189 33.04 -7.20 6.33
C ASP C 189 32.03 -6.33 7.08
N HIS C 190 32.32 -6.08 8.38
CA HIS C 190 31.57 -5.11 9.17
C HIS C 190 32.55 -4.16 9.87
N THR C 191 33.77 -4.06 9.33
CA THR C 191 34.82 -3.19 9.83
C THR C 191 34.28 -1.78 10.04
N ILE C 192 34.86 -1.10 11.04
CA ILE C 192 34.85 0.35 11.10
C ILE C 192 36.26 0.80 10.78
N PRO C 193 36.55 1.29 9.56
CA PRO C 193 37.94 1.49 9.12
C PRO C 193 38.61 2.65 9.87
N GLU C 194 37.83 3.72 10.09
CA GLU C 194 38.33 4.92 10.71
C GLU C 194 37.26 5.54 11.59
N VAL C 195 37.70 6.24 12.63
CA VAL C 195 36.79 6.88 13.56
C VAL C 195 37.17 8.37 13.66
N ILE D 5 -3.51 -14.12 38.72
CA ILE D 5 -4.34 -15.35 38.99
C ILE D 5 -4.37 -15.60 40.50
N LYS D 6 -5.34 -14.97 41.19
CA LYS D 6 -5.37 -14.87 42.64
C LYS D 6 -5.80 -16.19 43.28
N GLN D 7 -4.91 -16.78 44.09
CA GLN D 7 -5.24 -17.96 44.88
C GLN D 7 -6.31 -17.58 45.92
N GLY D 8 -7.25 -18.49 46.13
CA GLY D 8 -8.46 -18.17 46.84
C GLY D 8 -9.67 -18.20 45.90
N ILE D 9 -10.84 -18.15 46.53
CA ILE D 9 -12.12 -18.41 45.90
C ILE D 9 -12.92 -17.10 45.88
N ARG D 10 -13.54 -16.78 44.75
CA ARG D 10 -14.20 -15.50 44.54
C ARG D 10 -15.71 -15.66 44.42
N GLU D 11 -16.43 -15.41 45.55
CA GLU D 11 -17.88 -15.31 45.54
C GLU D 11 -18.30 -14.16 44.62
N VAL D 12 -19.20 -14.47 43.67
CA VAL D 12 -19.80 -13.43 42.86
C VAL D 12 -21.33 -13.58 42.87
N ILE D 13 -21.97 -12.43 42.61
CA ILE D 13 -23.41 -12.24 42.67
C ILE D 13 -23.84 -11.49 41.41
N LEU D 14 -24.84 -12.04 40.74
CA LEU D 14 -25.09 -11.75 39.35
C LEU D 14 -26.59 -11.88 39.13
N CYS D 15 -27.09 -11.21 38.07
CA CYS D 15 -28.51 -11.19 37.74
C CYS D 15 -28.69 -11.49 36.27
N LYS D 16 -29.79 -12.18 35.96
CA LYS D 16 -30.13 -12.53 34.59
C LYS D 16 -30.35 -11.25 33.81
N ASP D 17 -29.92 -11.25 32.55
CA ASP D 17 -30.30 -10.17 31.66
C ASP D 17 -31.74 -10.42 31.22
N GLN D 18 -32.28 -9.52 30.39
CA GLN D 18 -33.68 -9.52 29.96
C GLN D 18 -34.09 -10.83 29.28
N ASP D 19 -33.17 -11.51 28.58
CA ASP D 19 -33.55 -12.75 27.88
C ASP D 19 -33.48 -13.94 28.82
N GLY D 20 -33.05 -13.70 30.07
CA GLY D 20 -32.88 -14.75 31.08
C GLY D 20 -31.49 -15.39 31.07
N LYS D 21 -30.48 -14.67 30.54
CA LYS D 21 -29.12 -15.18 30.38
C LYS D 21 -28.21 -14.62 31.47
N ILE D 22 -27.20 -15.40 31.87
CA ILE D 22 -26.06 -14.85 32.58
C ILE D 22 -24.94 -14.55 31.57
N GLY D 23 -24.89 -15.30 30.46
CA GLY D 23 -23.84 -15.17 29.47
C GLY D 23 -22.61 -16.02 29.83
N LEU D 24 -22.82 -17.34 30.02
CA LEU D 24 -21.81 -18.33 30.34
C LEU D 24 -22.02 -19.56 29.48
N ARG D 25 -20.93 -20.27 29.17
CA ARG D 25 -20.99 -21.68 28.84
C ARG D 25 -20.11 -22.51 29.79
N LEU D 26 -20.47 -23.78 29.95
CA LEU D 26 -19.81 -24.59 30.94
C LEU D 26 -19.37 -25.93 30.34
N LYS D 27 -18.33 -26.53 30.96
CA LYS D 27 -17.89 -27.83 30.47
C LYS D 27 -17.47 -28.69 31.65
N SER D 28 -17.87 -29.98 31.58
CA SER D 28 -17.44 -30.98 32.54
C SER D 28 -15.99 -31.33 32.21
N ILE D 29 -15.11 -31.14 33.17
CA ILE D 29 -13.72 -31.58 33.09
C ILE D 29 -13.33 -32.12 34.44
N ASP D 30 -12.84 -33.37 34.45
CA ASP D 30 -12.30 -34.01 35.64
C ASP D 30 -13.26 -33.88 36.84
N ASN D 31 -14.58 -34.00 36.60
CA ASN D 31 -15.59 -33.88 37.64
C ASN D 31 -15.67 -32.46 38.22
N GLY D 32 -15.17 -31.50 37.45
CA GLY D 32 -15.36 -30.11 37.80
C GLY D 32 -16.21 -29.46 36.74
N ILE D 33 -16.63 -28.23 37.06
CA ILE D 33 -17.26 -27.38 36.09
C ILE D 33 -16.35 -26.16 35.91
N PHE D 34 -16.08 -25.87 34.65
CA PHE D 34 -15.15 -24.83 34.20
C PHE D 34 -15.82 -23.99 33.13
N VAL D 35 -15.52 -22.70 33.13
CA VAL D 35 -16.16 -21.84 32.14
C VAL D 35 -15.43 -22.04 30.81
N GLN D 36 -16.18 -22.52 29.84
CA GLN D 36 -15.71 -22.68 28.47
C GLN D 36 -15.95 -21.40 27.66
N LEU D 37 -16.64 -20.39 28.24
CA LEU D 37 -17.01 -19.17 27.53
C LEU D 37 -17.58 -18.09 28.47
N VAL D 38 -17.01 -16.88 28.42
CA VAL D 38 -17.69 -15.70 28.92
C VAL D 38 -18.22 -14.96 27.71
N GLN D 39 -19.50 -14.59 27.73
CA GLN D 39 -20.09 -13.74 26.68
C GLN D 39 -19.67 -12.28 26.84
N ALA D 40 -19.33 -11.68 25.70
CA ALA D 40 -19.12 -10.24 25.60
C ALA D 40 -20.45 -9.54 25.85
N ASN D 41 -20.43 -8.46 26.63
CA ASN D 41 -21.62 -7.66 26.88
C ASN D 41 -22.60 -8.46 27.75
N SER D 42 -22.09 -9.41 28.57
CA SER D 42 -22.95 -10.30 29.32
C SER D 42 -22.87 -9.98 30.80
N PRO D 43 -23.92 -10.34 31.57
CA PRO D 43 -23.86 -10.17 33.02
C PRO D 43 -22.68 -10.93 33.61
N ALA D 44 -22.34 -12.09 33.04
CA ALA D 44 -21.23 -12.90 33.51
C ALA D 44 -19.95 -12.08 33.42
N SER D 45 -19.64 -11.56 32.22
CA SER D 45 -18.52 -10.65 32.04
C SER D 45 -18.58 -9.53 33.09
N LEU D 46 -19.54 -8.61 32.92
CA LEU D 46 -19.70 -7.44 33.78
C LEU D 46 -19.27 -7.72 35.23
N VAL D 47 -19.55 -8.88 35.85
CA VAL D 47 -19.13 -9.06 37.25
C VAL D 47 -17.73 -9.69 37.36
N GLY D 48 -17.07 -10.06 36.25
CA GLY D 48 -15.66 -10.44 36.31
C GLY D 48 -15.39 -11.94 36.23
N LEU D 49 -16.34 -12.70 35.66
CA LEU D 49 -16.11 -14.09 35.31
C LEU D 49 -15.16 -14.11 34.12
N ARG D 50 -14.35 -15.17 34.10
CA ARG D 50 -13.33 -15.42 33.11
C ARG D 50 -13.34 -16.92 32.76
N PHE D 51 -13.17 -17.15 31.43
CA PHE D 51 -12.90 -18.45 30.81
C PHE D 51 -11.82 -19.25 31.57
N GLY D 52 -12.12 -20.55 31.72
CA GLY D 52 -11.31 -21.47 32.49
C GLY D 52 -11.47 -21.27 33.99
N ASP D 53 -12.38 -20.38 34.43
CA ASP D 53 -12.66 -20.35 35.86
C ASP D 53 -13.45 -21.61 36.19
N GLN D 54 -13.32 -22.03 37.44
CA GLN D 54 -14.03 -23.17 37.96
C GLN D 54 -15.14 -22.66 38.89
N VAL D 55 -16.33 -23.25 38.70
CA VAL D 55 -17.50 -22.97 39.50
C VAL D 55 -17.63 -24.02 40.59
N LEU D 56 -17.28 -23.67 41.84
CA LEU D 56 -17.46 -24.56 42.97
C LEU D 56 -18.96 -24.69 43.26
N GLN D 57 -19.47 -23.89 44.19
CA GLN D 57 -20.90 -23.82 44.42
C GLN D 57 -21.60 -23.04 43.31
N ILE D 58 -22.87 -23.36 43.06
CA ILE D 58 -23.87 -22.41 42.56
C ILE D 58 -25.04 -22.36 43.55
N ASN D 59 -25.41 -21.12 43.91
CA ASN D 59 -26.45 -20.87 44.87
C ASN D 59 -26.21 -21.81 46.05
N GLY D 60 -24.94 -21.86 46.49
CA GLY D 60 -24.54 -22.69 47.61
C GLY D 60 -24.74 -24.17 47.33
N GLU D 61 -24.67 -24.58 46.06
CA GLU D 61 -24.82 -25.97 45.67
C GLU D 61 -23.56 -26.43 44.94
N ASN D 62 -22.83 -27.35 45.57
CA ASN D 62 -21.60 -27.90 45.02
C ASN D 62 -21.84 -28.44 43.61
N CYS D 63 -21.05 -28.00 42.62
CA CYS D 63 -21.21 -28.47 41.25
C CYS D 63 -20.34 -29.69 40.97
N ALA D 64 -19.75 -30.26 42.01
CA ALA D 64 -18.78 -31.33 41.88
C ALA D 64 -19.44 -32.56 41.26
N GLY D 65 -19.13 -32.82 39.99
CA GLY D 65 -19.43 -34.08 39.35
C GLY D 65 -20.60 -33.97 38.38
N TRP D 66 -21.16 -32.76 38.28
CA TRP D 66 -22.27 -32.52 37.36
C TRP D 66 -21.78 -32.61 35.93
N SER D 67 -22.62 -33.18 35.07
CA SER D 67 -22.44 -33.04 33.66
C SER D 67 -22.60 -31.57 33.28
N SER D 68 -22.29 -31.25 32.03
CA SER D 68 -22.52 -29.95 31.44
C SER D 68 -24.02 -29.64 31.51
N ASP D 69 -24.83 -30.58 31.00
CA ASP D 69 -26.29 -30.48 30.99
C ASP D 69 -26.80 -30.12 32.39
N LYS D 70 -26.41 -30.87 33.40
CA LYS D 70 -26.94 -30.50 34.70
C LYS D 70 -26.58 -29.03 34.98
N ALA D 71 -25.32 -28.63 34.76
CA ALA D 71 -24.84 -27.36 35.27
C ALA D 71 -25.57 -26.21 34.56
N HIS D 72 -25.86 -26.41 33.28
CA HIS D 72 -26.67 -25.54 32.49
C HIS D 72 -28.07 -25.40 33.12
N LYS D 73 -28.76 -26.53 33.23
CA LYS D 73 -30.15 -26.56 33.64
C LYS D 73 -30.25 -25.81 34.98
N VAL D 74 -29.42 -26.22 35.96
CA VAL D 74 -29.40 -25.58 37.25
C VAL D 74 -29.34 -24.06 37.11
N LEU D 75 -28.68 -23.53 36.06
CA LEU D 75 -28.55 -22.07 35.84
C LEU D 75 -29.78 -21.52 35.13
N LYS D 76 -30.24 -22.24 34.12
CA LYS D 76 -31.44 -21.82 33.41
C LYS D 76 -32.65 -21.73 34.35
N GLN D 77 -32.84 -22.72 35.22
CA GLN D 77 -34.03 -22.77 36.06
C GLN D 77 -33.85 -22.04 37.40
N ALA D 78 -32.69 -21.41 37.64
CA ALA D 78 -32.53 -20.56 38.81
C ALA D 78 -33.26 -19.23 38.58
N PHE D 79 -33.56 -18.53 39.68
CA PHE D 79 -34.25 -17.26 39.60
C PHE D 79 -33.26 -16.16 39.22
N GLY D 80 -33.75 -15.23 38.40
CA GLY D 80 -32.93 -14.17 37.85
C GLY D 80 -32.36 -13.27 38.93
N GLU D 81 -33.18 -13.06 39.99
CA GLU D 81 -32.91 -12.11 41.06
C GLU D 81 -31.41 -12.10 41.37
N LYS D 82 -30.91 -13.13 42.08
CA LYS D 82 -29.50 -13.20 42.43
C LYS D 82 -29.02 -14.65 42.35
N ILE D 83 -27.92 -14.84 41.61
CA ILE D 83 -27.22 -16.11 41.47
C ILE D 83 -25.84 -15.99 42.13
N THR D 84 -25.59 -16.73 43.20
CA THR D 84 -24.27 -16.77 43.81
C THR D 84 -23.44 -17.92 43.22
N MET D 85 -22.24 -17.56 42.75
CA MET D 85 -21.31 -18.51 42.15
C MET D 85 -19.98 -18.41 42.86
N THR D 86 -19.64 -19.41 43.68
CA THR D 86 -18.39 -19.45 44.38
C THR D 86 -17.33 -19.96 43.39
N ILE D 87 -16.40 -19.07 42.98
CA ILE D 87 -15.48 -19.30 41.86
C ILE D 87 -14.04 -19.50 42.33
N ARG D 88 -13.36 -20.48 41.69
CA ARG D 88 -11.92 -20.63 41.83
C ARG D 88 -11.28 -20.07 40.57
N ASP D 89 -10.28 -19.21 40.80
CA ASP D 89 -9.74 -18.37 39.76
C ASP D 89 -8.80 -19.18 38.90
N ARG D 90 -9.23 -19.35 37.62
CA ARG D 90 -8.46 -19.85 36.50
C ARG D 90 -7.42 -20.89 36.89
N PRO D 91 -7.88 -22.09 37.32
CA PRO D 91 -6.98 -23.08 37.90
C PRO D 91 -6.10 -23.84 36.92
N PHE D 92 -6.44 -23.88 35.64
CA PHE D 92 -5.70 -24.66 34.64
C PHE D 92 -4.72 -23.82 33.83
N GLU D 93 -4.51 -22.56 34.24
CA GLU D 93 -3.83 -21.58 33.40
C GLU D 93 -2.75 -20.91 34.23
N ARG D 94 -1.77 -20.33 33.52
CA ARG D 94 -0.68 -19.60 34.18
C ARG D 94 -0.31 -18.36 33.37
N THR D 95 0.26 -17.35 34.04
CA THR D 95 0.68 -16.11 33.39
C THR D 95 2.20 -15.99 33.43
N ILE D 96 2.81 -15.61 32.30
CA ILE D 96 4.26 -15.44 32.21
C ILE D 96 4.56 -13.96 31.94
N THR D 97 5.32 -13.27 32.82
CA THR D 97 5.72 -11.89 32.60
C THR D 97 7.02 -11.85 31.81
N MET D 98 6.96 -11.27 30.60
CA MET D 98 8.10 -11.06 29.72
C MET D 98 8.39 -9.55 29.57
N HIS D 99 9.55 -9.24 28.97
CA HIS D 99 9.87 -7.88 28.54
C HIS D 99 10.28 -7.91 27.07
N LYS D 100 9.76 -6.96 26.31
CA LYS D 100 9.99 -6.84 24.88
C LYS D 100 11.47 -6.52 24.59
N ASP D 101 12.00 -7.04 23.48
CA ASP D 101 13.39 -6.83 23.15
C ASP D 101 13.52 -5.53 22.36
N SER D 102 14.68 -5.33 21.69
CA SER D 102 14.99 -4.08 20.98
C SER D 102 14.19 -4.01 19.68
N THR D 103 13.63 -5.14 19.23
CA THR D 103 12.75 -5.17 18.07
C THR D 103 11.29 -5.38 18.50
N GLY D 104 10.96 -5.13 19.78
CA GLY D 104 9.59 -5.30 20.28
C GLY D 104 9.13 -6.75 20.46
N HIS D 105 10.07 -7.73 20.43
CA HIS D 105 9.80 -9.17 20.47
C HIS D 105 10.09 -9.77 21.84
N VAL D 106 9.55 -10.99 22.05
CA VAL D 106 9.71 -11.72 23.30
C VAL D 106 10.27 -13.12 23.06
N GLY D 107 10.04 -13.73 21.89
CA GLY D 107 10.90 -14.84 21.47
C GLY D 107 10.21 -16.20 21.35
N PHE D 108 9.10 -16.31 20.59
CA PHE D 108 8.54 -17.63 20.37
C PHE D 108 7.73 -17.66 19.08
N ILE D 109 7.65 -18.87 18.49
CA ILE D 109 6.88 -19.13 17.28
C ILE D 109 5.59 -19.89 17.63
N PHE D 110 4.46 -19.13 17.65
CA PHE D 110 3.17 -19.60 18.11
C PHE D 110 2.22 -19.78 16.94
N LYS D 111 1.50 -20.91 16.95
CA LYS D 111 0.55 -21.28 15.90
C LYS D 111 -0.80 -21.71 16.51
N ASN D 112 -1.89 -21.35 15.82
CA ASN D 112 -3.22 -21.75 16.24
C ASN D 112 -3.40 -21.39 17.70
N GLY D 113 -2.82 -20.26 18.10
CA GLY D 113 -2.79 -19.82 19.49
C GLY D 113 -1.93 -20.68 20.42
N LYS D 114 -1.31 -21.75 19.87
CA LYS D 114 -0.50 -22.69 20.63
C LYS D 114 1.01 -22.53 20.36
N ILE D 115 1.79 -22.36 21.42
CA ILE D 115 3.23 -22.11 21.32
C ILE D 115 3.95 -23.39 20.86
N THR D 116 4.85 -23.24 19.88
CA THR D 116 5.51 -24.35 19.20
C THR D 116 7.03 -24.29 19.24
N SER D 117 7.66 -23.12 19.43
CA SER D 117 9.09 -23.10 19.71
C SER D 117 9.44 -21.87 20.51
N ILE D 118 10.51 -22.01 21.30
CA ILE D 118 11.09 -20.92 22.07
C ILE D 118 12.42 -20.58 21.42
N VAL D 119 12.71 -19.28 21.35
CA VAL D 119 13.89 -18.72 20.70
C VAL D 119 14.99 -18.62 21.75
N LYS D 120 16.22 -19.04 21.38
CA LYS D 120 17.34 -19.05 22.30
C LYS D 120 17.62 -17.65 22.82
N ASP D 121 17.78 -17.56 24.16
CA ASP D 121 18.18 -16.33 24.81
C ASP D 121 17.16 -15.21 24.54
N SER D 122 15.92 -15.57 24.21
CA SER D 122 14.81 -14.63 24.23
C SER D 122 14.28 -14.45 25.65
N SER D 123 13.36 -13.50 25.77
CA SER D 123 12.64 -13.27 27.02
C SER D 123 11.73 -14.46 27.32
N ALA D 124 11.21 -15.09 26.27
CA ALA D 124 10.45 -16.32 26.41
C ALA D 124 11.32 -17.38 27.11
N ALA D 125 12.49 -17.65 26.53
CA ALA D 125 13.48 -18.57 27.08
C ALA D 125 13.74 -18.24 28.54
N ARG D 126 14.14 -17.00 28.82
CA ARG D 126 14.54 -16.59 30.15
C ARG D 126 13.42 -16.76 31.18
N ASN D 127 12.16 -16.57 30.80
CA ASN D 127 11.10 -16.58 31.80
C ASN D 127 10.40 -17.93 31.81
N GLY D 128 10.77 -18.83 30.89
CA GLY D 128 10.43 -20.24 30.99
C GLY D 128 9.10 -20.58 30.33
N LEU D 129 8.82 -19.91 29.22
CA LEU D 129 7.65 -20.24 28.43
C LEU D 129 7.81 -21.65 27.90
N LEU D 130 6.69 -22.34 27.69
CA LEU D 130 6.64 -23.74 27.28
C LEU D 130 5.96 -23.86 25.94
N THR D 131 6.29 -24.93 25.21
CA THR D 131 5.56 -25.31 24.02
C THR D 131 4.42 -26.24 24.44
N GLU D 132 3.60 -26.62 23.46
CA GLU D 132 2.39 -27.37 23.72
C GLU D 132 1.52 -26.69 24.80
N HIS D 133 1.48 -25.35 24.78
CA HIS D 133 0.64 -24.56 25.68
C HIS D 133 -0.09 -23.46 24.91
N ASN D 134 -1.32 -23.20 25.30
CA ASN D 134 -2.24 -22.36 24.54
C ASN D 134 -2.34 -21.02 25.23
N ILE D 135 -2.45 -19.96 24.40
CA ILE D 135 -2.53 -18.58 24.88
C ILE D 135 -3.98 -18.27 25.21
N CYS D 136 -4.18 -17.79 26.44
CA CYS D 136 -5.52 -17.52 26.95
C CYS D 136 -5.74 -16.02 27.05
N GLU D 137 -4.77 -15.28 27.60
CA GLU D 137 -4.97 -13.88 27.92
C GLU D 137 -3.64 -13.13 27.71
N ILE D 138 -3.76 -11.87 27.26
CA ILE D 138 -2.61 -11.01 27.06
C ILE D 138 -2.86 -9.76 27.88
N ASN D 139 -2.06 -9.63 28.96
CA ASN D 139 -2.15 -8.54 29.92
C ASN D 139 -3.55 -8.50 30.57
N GLY D 140 -4.06 -9.66 31.01
CA GLY D 140 -5.42 -9.75 31.56
C GLY D 140 -6.51 -9.99 30.50
N GLN D 141 -6.20 -9.87 29.20
CA GLN D 141 -7.22 -9.78 28.15
C GLN D 141 -7.36 -11.09 27.38
N ASN D 142 -8.55 -11.71 27.46
CA ASN D 142 -8.94 -12.92 26.73
C ASN D 142 -8.73 -12.75 25.23
N VAL D 143 -8.16 -13.77 24.58
CA VAL D 143 -7.78 -13.73 23.17
C VAL D 143 -8.13 -15.05 22.50
N ILE D 144 -8.86 -15.90 23.24
CA ILE D 144 -9.18 -17.27 22.82
C ILE D 144 -10.12 -17.17 21.62
N GLY D 145 -9.78 -17.82 20.49
CA GLY D 145 -10.63 -17.82 19.31
C GLY D 145 -10.17 -16.85 18.22
N LEU D 146 -9.66 -15.66 18.60
CA LEU D 146 -9.11 -14.67 17.66
C LEU D 146 -8.11 -15.35 16.72
N LYS D 147 -7.80 -14.68 15.61
CA LYS D 147 -6.71 -15.07 14.71
C LYS D 147 -5.36 -14.81 15.39
N ASP D 148 -4.33 -15.57 14.99
CA ASP D 148 -2.96 -15.41 15.48
C ASP D 148 -2.51 -13.97 15.27
N SER D 149 -3.04 -13.38 14.21
CA SER D 149 -2.57 -12.11 13.71
C SER D 149 -3.02 -11.03 14.68
N GLN D 150 -4.22 -11.23 15.21
CA GLN D 150 -4.80 -10.33 16.20
C GLN D 150 -4.02 -10.50 17.51
N ILE D 151 -3.69 -11.76 17.82
CA ILE D 151 -2.88 -12.07 18.98
C ILE D 151 -1.51 -11.42 18.76
N ALA D 152 -0.88 -11.65 17.59
CA ALA D 152 0.28 -10.87 17.18
C ALA D 152 0.03 -9.41 17.53
N ASP D 153 -1.10 -8.85 17.10
CA ASP D 153 -1.32 -7.41 17.23
C ASP D 153 -1.48 -7.00 18.71
N ILE D 154 -2.11 -7.87 19.52
CA ILE D 154 -2.35 -7.54 20.92
C ILE D 154 -1.02 -7.52 21.69
N LEU D 155 -0.08 -8.42 21.30
CA LEU D 155 1.28 -8.42 21.84
C LEU D 155 1.98 -7.09 21.52
N SER D 156 1.99 -6.70 20.23
CA SER D 156 2.63 -5.47 19.76
C SER D 156 2.12 -4.29 20.59
N THR D 157 0.79 -4.19 20.71
CA THR D 157 0.10 -3.07 21.36
C THR D 157 0.31 -3.05 22.88
N SER D 158 0.89 -4.11 23.45
CA SER D 158 1.28 -4.11 24.85
C SER D 158 2.40 -3.09 25.09
N GLY D 159 2.53 -2.65 26.35
CA GLY D 159 3.76 -2.03 26.85
C GLY D 159 4.98 -2.96 26.79
N THR D 160 6.16 -2.42 27.12
CA THR D 160 7.38 -3.21 27.30
C THR D 160 7.00 -4.51 28.01
N VAL D 161 6.39 -4.33 29.20
CA VAL D 161 5.97 -5.41 30.08
C VAL D 161 4.76 -6.07 29.43
N VAL D 162 4.97 -7.33 28.98
CA VAL D 162 3.95 -8.22 28.43
C VAL D 162 3.71 -9.37 29.42
N THR D 163 2.48 -9.46 29.94
CA THR D 163 2.09 -10.61 30.73
C THR D 163 1.17 -11.44 29.84
N ILE D 164 1.49 -12.72 29.57
CA ILE D 164 0.53 -13.57 28.89
C ILE D 164 0.22 -14.83 29.70
N THR D 165 -0.94 -15.42 29.37
CA THR D 165 -1.59 -16.43 30.18
C THR D 165 -1.72 -17.70 29.32
N ILE D 166 -1.29 -18.85 29.87
CA ILE D 166 -1.17 -20.07 29.07
C ILE D 166 -1.92 -21.24 29.72
N MET D 167 -2.24 -22.24 28.87
CA MET D 167 -2.91 -23.47 29.27
C MET D 167 -2.28 -24.66 28.53
N PRO D 168 -1.93 -25.79 29.21
CA PRO D 168 -1.47 -26.99 28.53
C PRO D 168 -2.43 -27.48 27.44
N ALA D 169 -1.87 -27.82 26.28
CA ALA D 169 -2.65 -28.06 25.08
C ALA D 169 -3.74 -29.09 25.32
N PHE D 170 -3.37 -30.26 25.84
N PHE D 170 -3.38 -30.23 25.90
CA PHE D 170 -4.30 -31.37 26.05
CA PHE D 170 -4.30 -31.35 26.01
C PHE D 170 -5.55 -30.87 26.78
C PHE D 170 -5.52 -30.96 26.85
N ILE D 171 -5.36 -30.03 27.80
CA ILE D 171 -6.44 -29.53 28.62
C ILE D 171 -7.27 -28.54 27.82
N PHE D 172 -6.63 -27.49 27.29
CA PHE D 172 -7.30 -26.53 26.44
C PHE D 172 -8.25 -27.26 25.52
N GLU D 173 -7.72 -28.21 24.77
CA GLU D 173 -8.48 -28.96 23.79
C GLU D 173 -9.70 -29.63 24.41
N HIS D 174 -9.52 -30.21 25.61
CA HIS D 174 -10.64 -30.82 26.31
C HIS D 174 -11.72 -29.75 26.58
N ILE D 175 -11.30 -28.55 27.04
CA ILE D 175 -12.21 -27.55 27.58
C ILE D 175 -13.10 -27.09 26.45
N ILE D 176 -12.53 -26.97 25.26
CA ILE D 176 -13.24 -26.34 24.18
C ILE D 176 -14.01 -27.39 23.36
N LYS D 177 -13.83 -28.69 23.61
CA LYS D 177 -14.66 -29.68 22.95
C LYS D 177 -16.15 -29.40 23.17
N ARG D 178 -16.98 -29.67 22.16
CA ARG D 178 -18.41 -29.39 22.14
C ARG D 178 -18.69 -27.89 22.22
N MET D 179 -17.96 -27.10 21.41
CA MET D 179 -18.22 -25.67 21.22
C MET D 179 -17.93 -25.41 19.76
N ALA D 180 -18.88 -24.82 19.05
CA ALA D 180 -18.78 -24.65 17.61
C ALA D 180 -17.80 -23.52 17.31
N PRO D 181 -16.69 -23.80 16.58
CA PRO D 181 -15.70 -22.76 16.28
C PRO D 181 -16.36 -21.37 16.22
N SER D 182 -17.49 -21.33 15.49
CA SER D 182 -18.20 -20.11 15.14
C SER D 182 -18.66 -19.36 16.37
N ILE D 183 -18.97 -20.10 17.44
CA ILE D 183 -19.57 -19.52 18.63
C ILE D 183 -18.49 -18.88 19.50
N MET D 184 -17.36 -19.59 19.63
CA MET D 184 -16.20 -19.13 20.39
C MET D 184 -15.69 -17.82 19.80
N LYS D 185 -15.65 -17.77 18.44
CA LYS D 185 -15.19 -16.62 17.65
C LYS D 185 -16.15 -15.44 17.76
N SER D 186 -17.45 -15.71 17.96
CA SER D 186 -18.42 -14.63 17.94
C SER D 186 -18.79 -14.15 19.35
N LEU D 187 -18.76 -15.00 20.38
CA LEU D 187 -19.43 -14.60 21.62
C LEU D 187 -18.42 -14.24 22.70
N MET D 188 -17.15 -14.63 22.49
CA MET D 188 -16.17 -14.60 23.55
C MET D 188 -15.78 -13.14 23.86
N ASP D 189 -16.00 -12.78 25.13
CA ASP D 189 -15.53 -11.54 25.77
C ASP D 189 -14.04 -11.29 25.50
N HIS D 190 -13.71 -10.09 24.99
CA HIS D 190 -12.35 -9.70 24.63
C HIS D 190 -12.00 -8.34 25.21
N THR D 191 -12.75 -7.87 26.21
CA THR D 191 -12.77 -6.45 26.55
C THR D 191 -11.66 -6.13 27.56
N ILE D 192 -11.24 -4.87 27.53
CA ILE D 192 -10.25 -4.42 28.48
C ILE D 192 -10.85 -3.21 29.19
N PRO D 193 -10.35 -2.88 30.41
CA PRO D 193 -10.98 -1.83 31.20
C PRO D 193 -10.83 -0.48 30.50
N GLU D 194 -9.69 -0.22 29.85
CA GLU D 194 -9.46 1.03 29.14
C GLU D 194 -8.33 0.82 28.12
N VAL D 195 -8.06 1.87 27.34
CA VAL D 195 -6.94 1.89 26.41
C VAL D 195 -6.02 3.07 26.77
N1 WJA E . -2.60 7.00 -16.56
C4 WJA E . -2.52 5.54 -14.93
C5 WJA E . -2.66 4.23 -14.20
N WJA E . -4.09 9.59 -17.51
C WJA E . -3.56 10.10 -18.78
O WJA E . -3.21 11.48 -16.14
C1 WJA E . -1.88 9.16 -15.52
C2 WJA E . -2.20 7.67 -15.49
C3 WJA E . -2.15 6.76 -14.42
O1 WJA E . -4.28 9.85 -14.85
O2 WJA E . -2.77 5.70 -16.19
S WJA E . -3.40 10.02 -16.01
C1 EDO F . 9.23 -1.60 -5.65
O1 EDO F . 8.13 -0.84 -5.16
C2 EDO F . 9.50 -1.27 -7.08
O2 EDO F . 9.58 0.12 -7.35
C1 EDO G . -33.97 7.36 -29.85
O1 EDO G . -33.29 7.80 -28.74
C2 EDO G . -33.93 8.36 -30.93
O2 EDO G . -32.60 8.62 -31.32
C1 EDO H . -27.03 8.31 -8.03
O1 EDO H . -27.90 7.51 -7.27
C2 EDO H . -27.18 9.79 -7.87
O2 EDO H . -28.05 10.36 -8.82
N DGL I . -22.13 5.28 -33.83
CA DGL I . -22.65 4.50 -32.67
C DGL I . -22.02 5.07 -31.41
O DGL I . -21.01 5.77 -31.57
CB DGL I . -24.18 4.52 -32.65
CG DGL I . -24.80 5.83 -33.09
CD DGL I . -26.23 6.07 -32.61
OE1 DGL I . -26.67 7.24 -32.71
OE2 DGL I . -26.86 5.13 -32.09
OXT DGL I . -22.52 4.77 -30.29
C1 EDO J . 32.88 -0.61 5.61
O1 EDO J . 31.66 0.12 5.45
C2 EDO J . 32.70 -1.87 6.37
O2 EDO J . 31.56 -1.77 7.19
C1 EDO K . 17.24 -6.38 -10.10
O1 EDO K . 18.63 -6.45 -9.81
C2 EDO K . 16.97 -6.11 -11.53
O2 EDO K . 17.92 -6.67 -12.42
C1 EDO L . 18.25 3.86 -7.14
O1 EDO L . 17.75 3.76 -5.79
C2 EDO L . 18.91 2.66 -7.77
O2 EDO L . 19.60 2.98 -9.00
N GLY M . 24.65 -14.12 -15.61
CA GLY M . 24.45 -15.06 -14.48
C GLY M . 25.57 -14.95 -13.46
O GLY M . 26.74 -15.19 -13.86
OXT GLY M . 25.25 -14.64 -12.30
C1 EDO N . -11.51 -10.34 30.46
O1 EDO N . -10.24 -10.88 30.88
C2 EDO N . -11.91 -10.77 29.07
O2 EDO N . -11.02 -10.39 28.04
C1 EDO O . -8.11 -34.55 30.86
O1 EDO O . -9.16 -34.66 31.77
C2 EDO O . -7.33 -33.33 31.11
O2 EDO O . -7.97 -32.15 30.66
S SO4 P . 13.34 -10.39 30.53
O1 SO4 P . 14.27 -11.35 31.07
O2 SO4 P . 13.48 -10.35 29.10
O3 SO4 P . 11.99 -10.79 30.86
O4 SO4 P . 13.61 -9.09 31.09
S SO4 Q . -3.96 -17.81 12.08
O1 SO4 Q . -2.56 -17.53 12.28
O2 SO4 Q . -4.41 -17.06 10.94
O3 SO4 Q . -4.14 -19.23 11.87
O4 SO4 Q . -4.73 -17.40 13.24
N ALA R . 7.25 -14.36 17.19
CA ALA R . 6.71 -13.11 17.77
C ALA R . 7.51 -12.71 19.02
O ALA R . 8.63 -13.23 19.17
CB ALA R . 5.24 -13.28 18.06
OXT ALA R . 6.97 -11.91 19.81
N DGL S . -19.91 -36.25 29.41
CA DGL S . -19.18 -35.27 28.56
C DGL S . -19.59 -33.85 28.97
O DGL S . -18.93 -32.88 28.47
CB DGL S . -17.67 -35.53 28.66
CG DGL S . -17.10 -35.51 30.08
CD DGL S . -15.70 -34.94 30.22
OE1 DGL S . -15.03 -34.68 29.19
OE2 DGL S . -15.25 -34.81 31.38
OXT DGL S . -20.56 -33.77 29.77
N GLY T . -18.36 -38.23 34.80
CA GLY T . -18.63 -36.88 35.35
C GLY T . -19.74 -36.19 34.58
O GLY T . -19.40 -35.56 33.57
OXT GLY T . -20.90 -36.33 35.01
#